data_4IS3
#
_entry.id   4IS3
#
_cell.length_a   68.512
_cell.length_b   92.891
_cell.length_c   82.915
_cell.angle_alpha   90.00
_cell.angle_beta   90.78
_cell.angle_gamma   90.00
#
_symmetry.space_group_name_H-M   'P 1 21 1'
#
loop_
_entity.id
_entity.type
_entity.pdbx_description
1 polymer 'Bile acid 3-alpha hydroxysteroid dehydrogenase'
2 non-polymer NICOTINAMIDE-ADENINE-DINUCLEOTIDE
3 non-polymer 'UNKNOWN LIGAND'
4 non-polymer 'ACETATE ION'
5 water water
#
_entity_poly.entity_id   1
_entity_poly.type   'polypeptide(L)'
_entity_poly.pdbx_seq_one_letter_code
;(MSE)GSDKIHHHHHHENLYFQG(MSE)NLVQDKVTIITGGTRGIGFAAAKIFIDNGAKVSIFGETQEEVDTALAQLKEL
YPEEEVLGFAPDLTSRDAV(MSE)AAVGQVAQKYGRLDV(MSE)INNAGITSNNVFSRVSEEEFKHI(MSE)DINVTGVF
NGAWCAYQC(MSE)KDAKKGVIINTASVTGIFGSLSGVGYPASKASVIGLTHGLGREIIRKNIRVVGVAPGVVNTD
(MSE)TNGNPPEI(MSE)EGYLKALP(MSE)KR(MSE)LEPEEIANVYLFLASDLASGITATTVSVDGAYRP
;
_entity_poly.pdbx_strand_id   A,B,C,D
#
loop_
_chem_comp.id
_chem_comp.type
_chem_comp.name
_chem_comp.formula
ACT non-polymer 'ACETATE ION' 'C2 H3 O2 -1'
NAD non-polymer NICOTINAMIDE-ADENINE-DINUCLEOTIDE 'C21 H27 N7 O14 P2'
UNL non-polymer 'UNKNOWN LIGAND' ?
#
# COMPACT_ATOMS: atom_id res chain seq x y z
N MSE A 20 16.09 -29.66 -11.95
CA MSE A 20 15.56 -28.70 -10.97
C MSE A 20 14.73 -29.40 -9.90
O MSE A 20 13.73 -30.07 -10.23
CB MSE A 20 14.72 -27.62 -11.68
CG MSE A 20 14.86 -26.22 -11.04
SE MSE A 20 13.52 -24.93 -11.63
CE MSE A 20 13.90 -24.90 -13.57
N ASN A 21 15.14 -29.25 -8.61
CA ASN A 21 14.46 -29.85 -7.46
CA ASN A 21 14.47 -29.86 -7.46
C ASN A 21 14.41 -28.83 -6.30
N LEU A 22 13.71 -27.71 -6.53
CA LEU A 22 13.60 -26.59 -5.61
C LEU A 22 12.90 -26.95 -4.28
N VAL A 23 12.03 -27.96 -4.26
CA VAL A 23 11.31 -28.39 -3.04
C VAL A 23 11.57 -29.87 -2.73
N GLN A 24 12.81 -30.33 -2.92
CA GLN A 24 13.22 -31.72 -2.68
C GLN A 24 12.90 -32.17 -1.24
N ASP A 25 12.18 -33.32 -1.13
CA ASP A 25 11.79 -34.01 0.11
C ASP A 25 10.85 -33.19 1.03
N LYS A 26 10.25 -32.12 0.49
CA LYS A 26 9.33 -31.29 1.26
CA LYS A 26 9.34 -31.30 1.26
C LYS A 26 7.94 -31.91 1.22
N VAL A 27 7.35 -32.17 2.42
CA VAL A 27 5.99 -32.71 2.58
C VAL A 27 5.05 -31.52 2.39
N THR A 28 4.27 -31.57 1.30
CA THR A 28 3.42 -30.45 0.86
C THR A 28 1.93 -30.81 0.78
N ILE A 29 1.10 -29.91 1.30
CA ILE A 29 -0.36 -30.01 1.17
C ILE A 29 -0.80 -28.84 0.28
N ILE A 30 -1.61 -29.13 -0.75
CA ILE A 30 -2.16 -28.10 -1.62
C ILE A 30 -3.71 -28.13 -1.54
N THR A 31 -4.34 -27.10 -0.92
CA THR A 31 -5.81 -27.03 -0.89
C THR A 31 -6.22 -26.59 -2.28
N GLY A 32 -7.36 -27.08 -2.76
CA GLY A 32 -7.79 -26.77 -4.12
C GLY A 32 -6.80 -27.26 -5.16
N GLY A 33 -6.21 -28.43 -4.91
CA GLY A 33 -5.21 -29.02 -5.78
C GLY A 33 -5.78 -29.96 -6.83
N THR A 34 -7.13 -29.94 -7.03
CA THR A 34 -7.77 -30.86 -7.99
C THR A 34 -7.87 -30.28 -9.40
N ARG A 35 -7.76 -28.96 -9.54
CA ARG A 35 -7.78 -28.31 -10.86
C ARG A 35 -7.12 -26.92 -10.79
N GLY A 36 -6.99 -26.28 -11.95
CA GLY A 36 -6.44 -24.94 -12.08
C GLY A 36 -5.02 -24.80 -11.60
N ILE A 37 -4.76 -23.71 -10.84
CA ILE A 37 -3.45 -23.36 -10.28
C ILE A 37 -2.95 -24.47 -9.31
N GLY A 38 -3.82 -24.92 -8.40
CA GLY A 38 -3.50 -25.95 -7.42
C GLY A 38 -3.04 -27.26 -8.05
N PHE A 39 -3.70 -27.68 -9.14
CA PHE A 39 -3.34 -28.90 -9.86
C PHE A 39 -2.00 -28.70 -10.59
N ALA A 40 -1.80 -27.53 -11.23
CA ALA A 40 -0.53 -27.21 -11.91
C ALA A 40 0.61 -27.21 -10.89
N ALA A 41 0.34 -26.74 -9.65
CA ALA A 41 1.32 -26.74 -8.54
C ALA A 41 1.62 -28.16 -8.09
N ALA A 42 0.58 -29.05 -8.04
CA ALA A 42 0.78 -30.47 -7.69
C ALA A 42 1.83 -31.11 -8.60
N LYS A 43 1.69 -30.92 -9.92
CA LYS A 43 2.59 -31.42 -10.95
C LYS A 43 4.00 -30.85 -10.81
N ILE A 44 4.13 -29.51 -10.73
CA ILE A 44 5.42 -28.82 -10.62
C ILE A 44 6.12 -29.19 -9.31
N PHE A 45 5.36 -29.35 -8.21
CA PHE A 45 5.94 -29.76 -6.91
C PHE A 45 6.43 -31.21 -6.98
N ILE A 46 5.68 -32.14 -7.63
CA ILE A 46 6.13 -33.54 -7.81
C ILE A 46 7.41 -33.54 -8.67
N ASP A 47 7.42 -32.75 -9.76
CA ASP A 47 8.59 -32.61 -10.66
C ASP A 47 9.83 -32.12 -9.91
N ASN A 48 9.64 -31.36 -8.84
CA ASN A 48 10.72 -30.76 -8.07
C ASN A 48 11.07 -31.49 -6.75
N GLY A 49 10.67 -32.76 -6.66
CA GLY A 49 11.01 -33.63 -5.53
C GLY A 49 10.17 -33.57 -4.26
N ALA A 50 9.04 -32.88 -4.28
CA ALA A 50 8.17 -32.79 -3.10
C ALA A 50 7.30 -34.05 -2.94
N LYS A 51 6.79 -34.27 -1.71
CA LYS A 51 5.80 -35.32 -1.40
C LYS A 51 4.48 -34.56 -1.31
N VAL A 52 3.62 -34.73 -2.31
CA VAL A 52 2.39 -33.95 -2.43
C VAL A 52 1.10 -34.69 -2.00
N SER A 53 0.24 -33.94 -1.28
CA SER A 53 -1.13 -34.29 -0.88
C SER A 53 -2.03 -33.16 -1.33
N ILE A 54 -3.23 -33.48 -1.86
CA ILE A 54 -4.15 -32.45 -2.35
C ILE A 54 -5.49 -32.50 -1.64
N PHE A 55 -6.15 -31.32 -1.53
CA PHE A 55 -7.53 -31.23 -1.03
C PHE A 55 -8.38 -30.73 -2.18
N GLY A 56 -9.64 -31.15 -2.20
CA GLY A 56 -10.62 -30.73 -3.20
C GLY A 56 -11.95 -30.51 -2.52
N GLU A 57 -12.90 -29.84 -3.20
CA GLU A 57 -14.20 -29.57 -2.59
C GLU A 57 -15.00 -30.88 -2.35
N THR A 58 -15.02 -31.78 -3.35
CA THR A 58 -15.75 -33.06 -3.28
C THR A 58 -14.80 -34.24 -3.47
N GLN A 59 -15.22 -35.45 -3.03
CA GLN A 59 -14.47 -36.69 -3.21
C GLN A 59 -14.32 -37.03 -4.70
N GLU A 60 -15.37 -36.73 -5.50
CA GLU A 60 -15.38 -36.97 -6.96
CA GLU A 60 -15.39 -36.97 -6.95
C GLU A 60 -14.25 -36.20 -7.63
N GLU A 61 -14.06 -34.90 -7.27
CA GLU A 61 -12.99 -34.04 -7.82
C GLU A 61 -11.62 -34.60 -7.45
N VAL A 62 -11.49 -35.06 -6.18
CA VAL A 62 -10.26 -35.65 -5.63
C VAL A 62 -9.92 -36.94 -6.44
N ASP A 63 -10.92 -37.83 -6.66
CA ASP A 63 -10.72 -39.08 -7.42
C ASP A 63 -10.25 -38.79 -8.84
N THR A 64 -10.89 -37.80 -9.52
CA THR A 64 -10.53 -37.39 -10.88
C THR A 64 -9.06 -36.92 -10.95
N ALA A 65 -8.67 -36.02 -10.02
CA ALA A 65 -7.30 -35.46 -9.99
C ALA A 65 -6.26 -36.54 -9.66
N LEU A 66 -6.56 -37.44 -8.70
CA LEU A 66 -5.63 -38.51 -8.33
C LEU A 66 -5.39 -39.46 -9.50
N ALA A 67 -6.44 -39.75 -10.30
CA ALA A 67 -6.38 -40.61 -11.49
C ALA A 67 -5.55 -39.94 -12.58
N GLN A 68 -5.71 -38.61 -12.74
CA GLN A 68 -4.94 -37.82 -13.72
C GLN A 68 -3.45 -37.83 -13.35
N LEU A 69 -3.15 -37.67 -12.04
CA LEU A 69 -1.78 -37.69 -11.52
C LEU A 69 -1.17 -39.08 -11.59
N LYS A 70 -2.01 -40.16 -11.52
CA LYS A 70 -1.50 -41.54 -11.61
C LYS A 70 -1.10 -41.86 -13.06
N GLU A 71 -1.80 -41.26 -14.04
CA GLU A 71 -1.46 -41.42 -15.45
C GLU A 71 -0.13 -40.69 -15.76
N LEU A 72 0.10 -39.48 -15.16
CA LEU A 72 1.32 -38.69 -15.35
C LEU A 72 2.49 -39.27 -14.56
N TYR A 73 2.25 -39.66 -13.29
CA TYR A 73 3.27 -40.19 -12.38
C TYR A 73 2.80 -41.55 -11.82
N PRO A 74 3.01 -42.65 -12.60
CA PRO A 74 2.49 -43.97 -12.16
C PRO A 74 3.10 -44.53 -10.87
N GLU A 75 4.33 -44.15 -10.52
CA GLU A 75 5.01 -44.67 -9.33
C GLU A 75 4.86 -43.74 -8.11
N GLU A 76 4.21 -42.58 -8.29
CA GLU A 76 4.05 -41.59 -7.23
C GLU A 76 2.73 -41.74 -6.49
N GLU A 77 2.82 -41.81 -5.15
CA GLU A 77 1.67 -41.86 -4.27
C GLU A 77 1.30 -40.42 -3.88
N VAL A 78 0.05 -40.05 -4.15
CA VAL A 78 -0.49 -38.73 -3.81
C VAL A 78 -1.75 -38.98 -2.98
N LEU A 79 -1.81 -38.41 -1.77
CA LEU A 79 -2.99 -38.54 -0.92
C LEU A 79 -4.00 -37.47 -1.30
N GLY A 80 -5.27 -37.80 -1.19
CA GLY A 80 -6.34 -36.87 -1.51
C GLY A 80 -7.41 -36.86 -0.45
N PHE A 81 -7.92 -35.65 -0.09
CA PHE A 81 -8.95 -35.47 0.94
C PHE A 81 -9.94 -34.41 0.51
N ALA A 82 -11.17 -34.46 1.04
CA ALA A 82 -12.16 -33.43 0.72
C ALA A 82 -12.74 -32.82 2.03
N PRO A 83 -11.92 -32.25 2.96
CA PRO A 83 -12.53 -31.70 4.19
C PRO A 83 -13.30 -30.41 3.94
N ASP A 84 -14.32 -30.17 4.78
CA ASP A 84 -15.07 -28.92 4.79
C ASP A 84 -14.08 -27.87 5.32
N LEU A 85 -13.61 -26.95 4.45
CA LEU A 85 -12.60 -25.94 4.82
C LEU A 85 -13.09 -24.96 5.88
N THR A 86 -14.42 -24.84 6.09
CA THR A 86 -15.01 -23.96 7.09
C THR A 86 -14.94 -24.60 8.49
N SER A 87 -14.68 -25.92 8.56
CA SER A 87 -14.58 -26.65 9.82
C SER A 87 -13.12 -26.93 10.13
N ARG A 88 -12.59 -26.31 11.20
CA ARG A 88 -11.16 -26.51 11.58
C ARG A 88 -10.90 -27.97 12.01
N ASP A 89 -11.89 -28.64 12.63
CA ASP A 89 -11.74 -30.05 13.03
C ASP A 89 -11.63 -30.95 11.79
N ALA A 90 -12.41 -30.66 10.72
CA ALA A 90 -12.35 -31.43 9.46
C ALA A 90 -11.00 -31.21 8.75
N VAL A 91 -10.47 -29.96 8.76
CA VAL A 91 -9.17 -29.65 8.16
C VAL A 91 -8.07 -30.32 8.98
N MSE A 92 -8.18 -30.28 10.32
CA MSE A 92 -7.19 -30.89 11.23
C MSE A 92 -7.12 -32.41 11.01
O MSE A 92 -6.01 -32.96 10.96
CB MSE A 92 -7.49 -30.56 12.72
CG MSE A 92 -6.35 -30.89 13.68
SE MSE A 92 -4.63 -30.01 13.25
CE MSE A 92 -3.78 -31.38 12.50
N ALA A 93 -8.29 -33.07 10.81
CA ALA A 93 -8.32 -34.52 10.57
C ALA A 93 -7.53 -34.87 9.29
N ALA A 94 -7.70 -34.09 8.20
CA ALA A 94 -7.00 -34.32 6.94
C ALA A 94 -5.50 -33.96 7.03
N VAL A 95 -5.16 -32.77 7.60
CA VAL A 95 -3.76 -32.32 7.77
C VAL A 95 -3.01 -33.33 8.68
N GLY A 96 -3.67 -33.75 9.75
CA GLY A 96 -3.16 -34.74 10.70
C GLY A 96 -2.77 -36.06 10.08
N GLN A 97 -3.57 -36.56 9.10
CA GLN A 97 -3.29 -37.81 8.39
C GLN A 97 -2.01 -37.72 7.54
N VAL A 98 -1.81 -36.57 6.88
CA VAL A 98 -0.60 -36.31 6.07
C VAL A 98 0.63 -36.30 6.99
N ALA A 99 0.56 -35.53 8.11
CA ALA A 99 1.63 -35.38 9.09
C ALA A 99 1.94 -36.71 9.76
N GLN A 100 0.92 -37.56 9.98
CA GLN A 100 1.07 -38.90 10.55
C GLN A 100 1.79 -39.83 9.59
N LYS A 101 1.45 -39.77 8.28
CA LYS A 101 2.05 -40.63 7.27
C LYS A 101 3.55 -40.32 7.05
N TYR A 102 3.94 -39.04 7.01
CA TYR A 102 5.33 -38.68 6.73
C TYR A 102 6.12 -38.16 7.93
N GLY A 103 5.48 -38.05 9.09
CA GLY A 103 6.13 -37.61 10.32
C GLY A 103 6.39 -36.11 10.44
N ARG A 104 5.98 -35.33 9.40
CA ARG A 104 6.18 -33.89 9.35
C ARG A 104 5.31 -33.25 8.26
N LEU A 105 5.26 -31.90 8.28
CA LEU A 105 4.59 -31.05 7.31
C LEU A 105 5.52 -29.88 7.03
N ASP A 106 6.01 -29.79 5.78
CA ASP A 106 6.97 -28.73 5.42
C ASP A 106 6.32 -27.52 4.74
N VAL A 107 5.31 -27.77 3.90
CA VAL A 107 4.66 -26.70 3.11
C VAL A 107 3.13 -26.84 3.15
N MSE A 108 2.42 -25.72 3.38
CA MSE A 108 0.96 -25.64 3.35
C MSE A 108 0.57 -24.58 2.35
O MSE A 108 0.98 -23.41 2.50
CB MSE A 108 0.35 -25.32 4.73
CG MSE A 108 -1.19 -25.18 4.72
SE MSE A 108 -2.00 -26.92 4.28
CE MSE A 108 -3.81 -26.70 4.96
N ILE A 109 -0.20 -24.97 1.31
CA ILE A 109 -0.63 -23.97 0.31
C ILE A 109 -2.15 -23.84 0.41
N ASN A 110 -2.62 -22.70 0.94
CA ASN A 110 -4.05 -22.39 1.06
C ASN A 110 -4.47 -21.71 -0.24
N ASN A 111 -4.61 -22.53 -1.29
CA ASN A 111 -4.91 -22.12 -2.65
C ASN A 111 -6.41 -22.19 -2.98
N ALA A 112 -7.18 -23.07 -2.34
CA ALA A 112 -8.63 -23.15 -2.66
C ALA A 112 -9.28 -21.78 -2.52
N GLY A 113 -10.08 -21.42 -3.49
CA GLY A 113 -10.78 -20.15 -3.47
C GLY A 113 -11.83 -20.03 -4.54
N ILE A 114 -12.65 -19.00 -4.38
CA ILE A 114 -13.74 -18.70 -5.31
C ILE A 114 -13.73 -17.19 -5.60
N THR A 115 -14.49 -16.79 -6.60
CA THR A 115 -14.59 -15.38 -7.00
C THR A 115 -16.07 -14.91 -6.95
N SER A 116 -16.29 -13.63 -7.29
CA SER A 116 -17.60 -12.98 -7.34
C SER A 116 -17.56 -11.83 -8.34
N ASN A 117 -18.67 -11.60 -9.04
CA ASN A 117 -18.77 -10.49 -10.01
C ASN A 117 -20.15 -9.81 -9.94
N ASN A 118 -21.01 -10.22 -8.98
CA ASN A 118 -22.35 -9.64 -8.85
C ASN A 118 -22.33 -8.17 -8.47
N VAL A 119 -23.24 -7.39 -9.08
CA VAL A 119 -23.43 -5.97 -8.73
C VAL A 119 -23.90 -5.93 -7.27
N PHE A 120 -23.46 -4.93 -6.51
CA PHE A 120 -23.68 -4.80 -5.07
C PHE A 120 -25.13 -5.09 -4.61
N SER A 121 -26.13 -4.54 -5.30
CA SER A 121 -27.54 -4.76 -4.96
C SER A 121 -27.92 -6.23 -5.02
N ARG A 122 -27.28 -6.99 -5.93
CA ARG A 122 -27.57 -8.41 -6.17
C ARG A 122 -26.66 -9.34 -5.38
N VAL A 123 -25.81 -8.80 -4.49
CA VAL A 123 -24.98 -9.65 -3.65
C VAL A 123 -25.85 -10.04 -2.45
N SER A 124 -26.26 -11.31 -2.39
CA SER A 124 -27.11 -11.80 -1.29
C SER A 124 -26.27 -12.01 -0.03
N GLU A 125 -26.93 -12.14 1.13
CA GLU A 125 -26.29 -12.45 2.41
C GLU A 125 -25.50 -13.74 2.31
N GLU A 126 -26.15 -14.74 1.68
CA GLU A 126 -25.64 -16.09 1.45
C GLU A 126 -24.37 -16.06 0.60
N GLU A 127 -24.37 -15.30 -0.50
CA GLU A 127 -23.19 -15.20 -1.37
C GLU A 127 -22.03 -14.53 -0.63
N PHE A 128 -22.28 -13.42 0.09
CA PHE A 128 -21.21 -12.72 0.80
C PHE A 128 -20.62 -13.63 1.90
N LYS A 129 -21.48 -14.29 2.69
CA LYS A 129 -21.07 -15.23 3.75
C LYS A 129 -20.20 -16.35 3.20
N HIS A 130 -20.60 -16.95 2.06
CA HIS A 130 -19.91 -18.10 1.46
C HIS A 130 -18.49 -17.73 0.97
N ILE A 131 -18.33 -16.62 0.24
CA ILE A 131 -17.00 -16.19 -0.24
C ILE A 131 -16.12 -15.82 0.97
N MSE A 132 -16.67 -15.18 2.01
CA MSE A 132 -15.91 -14.86 3.24
C MSE A 132 -15.49 -16.16 3.94
O MSE A 132 -14.35 -16.25 4.40
CB MSE A 132 -16.72 -13.97 4.18
CG MSE A 132 -16.90 -12.52 3.66
SE MSE A 132 -15.27 -11.53 3.17
CE MSE A 132 -14.39 -11.55 4.85
N ASP A 133 -16.39 -17.16 3.98
CA ASP A 133 -16.11 -18.46 4.62
C ASP A 133 -14.99 -19.24 3.92
N ILE A 134 -15.10 -19.43 2.61
CA ILE A 134 -14.09 -20.22 1.87
C ILE A 134 -12.77 -19.45 1.73
N ASN A 135 -12.82 -18.20 1.25
CA ASN A 135 -11.60 -17.44 0.99
C ASN A 135 -10.87 -16.97 2.26
N VAL A 136 -11.57 -16.76 3.39
CA VAL A 136 -10.86 -16.27 4.59
C VAL A 136 -10.83 -17.33 5.68
N THR A 137 -12.00 -17.85 6.12
CA THR A 137 -12.01 -18.86 7.19
C THR A 137 -11.29 -20.13 6.73
N GLY A 138 -11.42 -20.49 5.46
CA GLY A 138 -10.73 -21.63 4.88
C GLY A 138 -9.21 -21.49 4.96
N VAL A 139 -8.69 -20.26 4.70
CA VAL A 139 -7.25 -19.93 4.76
C VAL A 139 -6.80 -19.95 6.24
N PHE A 140 -7.58 -19.33 7.14
CA PHE A 140 -7.29 -19.31 8.57
C PHE A 140 -7.19 -20.74 9.12
N ASN A 141 -8.18 -21.60 8.78
CA ASN A 141 -8.22 -22.99 9.25
C ASN A 141 -7.01 -23.80 8.77
N GLY A 142 -6.68 -23.68 7.48
CA GLY A 142 -5.53 -24.35 6.89
C GLY A 142 -4.21 -23.91 7.50
N ALA A 143 -4.04 -22.57 7.69
CA ALA A 143 -2.84 -22.01 8.30
C ALA A 143 -2.71 -22.41 9.77
N TRP A 144 -3.83 -22.44 10.51
CA TRP A 144 -3.82 -22.83 11.94
C TRP A 144 -3.44 -24.30 12.09
N CYS A 145 -4.04 -25.20 11.28
CA CYS A 145 -3.77 -26.64 11.33
C CYS A 145 -2.31 -26.92 10.91
N ALA A 146 -1.79 -26.25 9.86
CA ALA A 146 -0.38 -26.37 9.42
C ALA A 146 0.58 -25.95 10.56
N TYR A 147 0.32 -24.78 11.18
CA TYR A 147 1.10 -24.22 12.29
C TYR A 147 1.21 -25.24 13.44
N GLN A 148 0.09 -25.90 13.80
CA GLN A 148 0.09 -26.91 14.88
C GLN A 148 1.02 -28.09 14.57
N CYS A 149 1.15 -28.47 13.27
CA CYS A 149 2.04 -29.56 12.83
C CYS A 149 3.48 -29.09 12.56
N MSE A 150 3.72 -27.75 12.47
CA MSE A 150 5.04 -27.16 12.17
C MSE A 150 5.75 -26.56 13.38
O MSE A 150 6.98 -26.49 13.37
CB MSE A 150 4.88 -26.02 11.13
CG MSE A 150 4.46 -26.49 9.74
SE MSE A 150 4.01 -24.93 8.66
CE MSE A 150 3.71 -25.85 6.98
N LYS A 151 5.00 -26.03 14.36
CA LYS A 151 5.54 -25.27 15.49
C LYS A 151 6.64 -25.97 16.31
N ASP A 152 6.53 -27.28 16.55
CA ASP A 152 7.54 -28.00 17.33
C ASP A 152 8.81 -28.28 16.51
N ALA A 153 8.65 -28.40 15.18
CA ALA A 153 9.77 -28.60 14.23
C ALA A 153 10.54 -27.31 14.03
N LYS A 154 9.92 -26.16 14.35
CA LYS A 154 10.45 -24.80 14.20
C LYS A 154 10.97 -24.57 12.77
N LYS A 155 10.14 -24.93 11.79
CA LYS A 155 10.38 -24.74 10.35
C LYS A 155 9.08 -25.03 9.60
N GLY A 156 8.96 -24.40 8.43
CA GLY A 156 7.77 -24.54 7.62
C GLY A 156 7.47 -23.30 6.83
N VAL A 157 6.61 -23.44 5.80
CA VAL A 157 6.17 -22.35 4.94
C VAL A 157 4.67 -22.47 4.73
N ILE A 158 3.94 -21.37 4.92
CA ILE A 158 2.49 -21.30 4.67
C ILE A 158 2.30 -20.28 3.54
N ILE A 159 1.69 -20.72 2.43
CA ILE A 159 1.44 -19.88 1.24
C ILE A 159 -0.08 -19.65 1.14
N ASN A 160 -0.52 -18.38 1.11
CA ASN A 160 -1.94 -18.03 1.04
C ASN A 160 -2.22 -17.34 -0.27
N THR A 161 -3.24 -17.80 -1.01
CA THR A 161 -3.55 -17.19 -2.30
C THR A 161 -4.55 -16.06 -2.12
N ALA A 162 -4.09 -14.84 -2.40
CA ALA A 162 -4.91 -13.64 -2.39
C ALA A 162 -5.36 -13.37 -3.83
N SER A 163 -5.30 -12.11 -4.28
CA SER A 163 -5.67 -11.68 -5.63
C SER A 163 -5.28 -10.24 -5.79
N VAL A 164 -5.09 -9.81 -7.05
CA VAL A 164 -4.84 -8.42 -7.47
C VAL A 164 -5.97 -7.52 -6.89
N THR A 165 -7.23 -8.03 -6.80
CA THR A 165 -8.37 -7.27 -6.29
C THR A 165 -8.21 -6.92 -4.80
N GLY A 166 -7.41 -7.69 -4.06
CA GLY A 166 -7.12 -7.41 -2.66
C GLY A 166 -6.29 -6.16 -2.46
N ILE A 167 -5.62 -5.69 -3.55
CA ILE A 167 -4.77 -4.49 -3.56
C ILE A 167 -5.44 -3.36 -4.34
N PHE A 168 -5.99 -3.65 -5.52
CA PHE A 168 -6.52 -2.62 -6.40
C PHE A 168 -8.06 -2.56 -6.49
N GLY A 169 -8.74 -3.32 -5.64
CA GLY A 169 -10.20 -3.38 -5.62
C GLY A 169 -10.76 -4.01 -6.87
N SER A 170 -12.04 -3.76 -7.15
CA SER A 170 -12.76 -4.28 -8.32
C SER A 170 -13.91 -3.35 -8.68
N LEU A 171 -14.57 -3.56 -9.82
CA LEU A 171 -15.72 -2.73 -10.21
C LEU A 171 -17.05 -3.43 -9.86
N SER A 172 -17.01 -4.71 -9.39
CA SER A 172 -18.19 -5.47 -8.96
C SER A 172 -17.75 -6.68 -8.12
N GLY A 173 -18.72 -7.41 -7.57
CA GLY A 173 -18.49 -8.58 -6.72
C GLY A 173 -17.67 -8.26 -5.49
N VAL A 174 -18.14 -7.27 -4.69
CA VAL A 174 -17.47 -6.70 -3.50
C VAL A 174 -16.87 -7.77 -2.53
N GLY A 175 -17.49 -8.97 -2.45
CA GLY A 175 -16.99 -10.06 -1.60
C GLY A 175 -15.61 -10.55 -1.99
N TYR A 176 -15.28 -10.43 -3.29
CA TYR A 176 -14.00 -10.85 -3.86
C TYR A 176 -12.85 -9.90 -3.37
N PRO A 177 -12.82 -8.56 -3.60
CA PRO A 177 -11.74 -7.75 -3.00
C PRO A 177 -11.76 -7.77 -1.46
N ALA A 178 -12.96 -7.81 -0.82
CA ALA A 178 -13.06 -7.84 0.65
C ALA A 178 -12.37 -9.11 1.21
N SER A 179 -12.67 -10.30 0.65
CA SER A 179 -12.07 -11.54 1.12
C SER A 179 -10.57 -11.63 0.77
N LYS A 180 -10.18 -11.20 -0.42
CA LYS A 180 -8.76 -11.30 -0.83
C LYS A 180 -7.86 -10.27 -0.12
N ALA A 181 -8.41 -9.08 0.24
CA ALA A 181 -7.66 -8.10 1.05
C ALA A 181 -7.46 -8.64 2.47
N SER A 182 -8.47 -9.38 2.98
CA SER A 182 -8.42 -10.03 4.29
C SER A 182 -7.27 -11.05 4.34
N VAL A 183 -7.09 -11.82 3.24
CA VAL A 183 -6.03 -12.82 3.07
C VAL A 183 -4.65 -12.12 3.18
N ILE A 184 -4.51 -10.96 2.54
CA ILE A 184 -3.27 -10.18 2.59
C ILE A 184 -3.01 -9.72 4.06
N GLY A 185 -4.06 -9.24 4.73
CA GLY A 185 -4.01 -8.78 6.13
C GLY A 185 -3.64 -9.90 7.10
N LEU A 186 -4.25 -11.09 6.89
CA LEU A 186 -3.99 -12.32 7.67
C LEU A 186 -2.51 -12.72 7.48
N THR A 187 -2.04 -12.74 6.22
CA THR A 187 -0.66 -13.09 5.86
C THR A 187 0.33 -12.14 6.55
N HIS A 188 0.06 -10.81 6.52
CA HIS A 188 0.92 -9.80 7.13
C HIS A 188 1.03 -10.01 8.64
N GLY A 189 -0.11 -10.07 9.34
CA GLY A 189 -0.17 -10.27 10.78
C GLY A 189 0.38 -11.60 11.22
N LEU A 190 -0.04 -12.71 10.58
CA LEU A 190 0.44 -14.06 10.95
C LEU A 190 1.96 -14.19 10.73
N GLY A 191 2.46 -13.67 9.60
CA GLY A 191 3.88 -13.69 9.27
C GLY A 191 4.72 -13.00 10.34
N ARG A 192 4.26 -11.83 10.81
CA ARG A 192 4.95 -11.07 11.83
C ARG A 192 4.94 -11.81 13.17
N GLU A 193 3.80 -12.45 13.49
CA GLU A 193 3.61 -13.19 14.73
C GLU A 193 4.47 -14.48 14.83
N ILE A 194 4.50 -15.31 13.80
CA ILE A 194 5.14 -16.63 13.94
C ILE A 194 6.56 -16.76 13.33
N ILE A 195 7.16 -15.65 12.84
CA ILE A 195 8.52 -15.68 12.29
C ILE A 195 9.55 -16.16 13.38
N ARG A 196 9.26 -15.90 14.67
CA ARG A 196 10.14 -16.31 15.78
C ARG A 196 10.20 -17.86 15.91
N LYS A 197 9.22 -18.58 15.32
CA LYS A 197 9.19 -20.04 15.29
C LYS A 197 9.79 -20.58 13.97
N ASN A 198 10.43 -19.69 13.17
CA ASN A 198 11.10 -19.97 11.89
C ASN A 198 10.08 -20.53 10.86
N ILE A 199 8.82 -20.07 10.95
CA ILE A 199 7.77 -20.45 9.99
C ILE A 199 7.49 -19.22 9.14
N ARG A 200 7.63 -19.34 7.80
CA ARG A 200 7.36 -18.21 6.89
C ARG A 200 5.91 -18.26 6.43
N VAL A 201 5.29 -17.07 6.29
CA VAL A 201 3.91 -16.90 5.81
C VAL A 201 3.99 -15.91 4.66
N VAL A 202 3.62 -16.36 3.45
CA VAL A 202 3.71 -15.50 2.24
CA VAL A 202 3.70 -15.50 2.26
C VAL A 202 2.41 -15.59 1.42
N GLY A 203 2.03 -14.47 0.83
CA GLY A 203 0.86 -14.41 -0.03
C GLY A 203 1.25 -14.35 -1.48
N VAL A 204 0.31 -14.75 -2.36
CA VAL A 204 0.45 -14.69 -3.82
C VAL A 204 -0.81 -14.04 -4.35
N ALA A 205 -0.67 -12.93 -5.09
CA ALA A 205 -1.80 -12.18 -5.62
C ALA A 205 -1.81 -12.26 -7.16
N PRO A 206 -2.51 -13.28 -7.74
CA PRO A 206 -2.56 -13.39 -9.21
C PRO A 206 -3.48 -12.32 -9.85
N GLY A 207 -3.31 -12.11 -11.16
CA GLY A 207 -4.12 -11.19 -11.95
C GLY A 207 -5.34 -11.89 -12.53
N VAL A 208 -5.25 -12.30 -13.80
CA VAL A 208 -6.28 -13.05 -14.51
C VAL A 208 -5.59 -14.31 -15.02
N VAL A 209 -6.04 -15.49 -14.54
CA VAL A 209 -5.40 -16.78 -14.85
C VAL A 209 -6.37 -17.68 -15.59
N ASN A 210 -5.87 -18.34 -16.63
CA ASN A 210 -6.63 -19.22 -17.51
C ASN A 210 -6.98 -20.53 -16.79
N THR A 211 -8.12 -20.54 -16.09
CA THR A 211 -8.64 -21.71 -15.36
C THR A 211 -10.17 -21.77 -15.54
N ASP A 212 -10.83 -22.78 -14.94
CA ASP A 212 -12.29 -22.93 -14.95
C ASP A 212 -12.98 -21.75 -14.25
N MSE A 213 -12.23 -21.00 -13.39
CA MSE A 213 -12.77 -19.83 -12.72
C MSE A 213 -13.03 -18.69 -13.70
O MSE A 213 -13.93 -17.88 -13.42
CB MSE A 213 -11.79 -19.35 -11.66
CG MSE A 213 -12.34 -18.20 -10.81
SE MSE A 213 -11.24 -17.74 -9.29
CE MSE A 213 -11.57 -19.27 -8.34
N THR A 214 -12.27 -18.60 -14.83
CA THR A 214 -12.40 -17.51 -15.79
CA THR A 214 -12.39 -17.50 -15.77
C THR A 214 -12.79 -17.93 -17.19
N ASN A 215 -12.37 -19.12 -17.64
CA ASN A 215 -12.61 -19.57 -19.01
C ASN A 215 -14.08 -19.83 -19.40
N GLY A 216 -14.98 -19.93 -18.43
CA GLY A 216 -16.39 -20.19 -18.68
C GLY A 216 -17.24 -18.95 -18.90
N ASN A 217 -16.64 -17.75 -18.76
CA ASN A 217 -17.32 -16.49 -18.95
C ASN A 217 -17.83 -16.28 -20.39
N PRO A 218 -18.95 -15.52 -20.56
CA PRO A 218 -19.46 -15.21 -21.92
C PRO A 218 -18.44 -14.45 -22.78
N PRO A 219 -18.53 -14.52 -24.14
CA PRO A 219 -17.53 -13.83 -24.99
C PRO A 219 -17.31 -12.35 -24.70
N GLU A 220 -18.39 -11.60 -24.41
CA GLU A 220 -18.33 -10.17 -24.09
C GLU A 220 -17.43 -9.90 -22.88
N ILE A 221 -17.56 -10.70 -21.80
CA ILE A 221 -16.73 -10.56 -20.60
C ILE A 221 -15.29 -10.94 -20.95
N MSE A 222 -15.10 -12.06 -21.68
CA MSE A 222 -13.77 -12.53 -22.13
C MSE A 222 -13.02 -11.44 -22.91
O MSE A 222 -11.85 -11.17 -22.63
CB MSE A 222 -13.93 -13.78 -23.00
CG MSE A 222 -14.47 -15.00 -22.27
SE MSE A 222 -13.32 -15.64 -20.85
CE MSE A 222 -11.86 -16.41 -21.93
N GLU A 223 -13.72 -10.80 -23.87
CA GLU A 223 -13.22 -9.71 -24.70
C GLU A 223 -12.70 -8.54 -23.85
N GLY A 224 -13.47 -8.18 -22.79
CA GLY A 224 -13.14 -7.11 -21.86
C GLY A 224 -11.87 -7.39 -21.10
N TYR A 225 -11.74 -8.63 -20.58
CA TYR A 225 -10.54 -9.11 -19.89
C TYR A 225 -9.33 -9.01 -20.80
N LEU A 226 -9.41 -9.60 -22.02
CA LEU A 226 -8.31 -9.66 -22.99
C LEU A 226 -7.85 -8.28 -23.44
N LYS A 227 -8.79 -7.31 -23.50
CA LYS A 227 -8.50 -5.91 -23.85
C LYS A 227 -7.81 -5.20 -22.69
N ALA A 228 -8.23 -5.49 -21.45
CA ALA A 228 -7.70 -4.87 -20.25
C ALA A 228 -6.38 -5.50 -19.80
N LEU A 229 -6.03 -6.68 -20.33
CA LEU A 229 -4.79 -7.33 -19.94
C LEU A 229 -3.61 -6.71 -20.71
N PRO A 230 -2.66 -6.01 -20.00
CA PRO A 230 -1.50 -5.42 -20.70
C PRO A 230 -0.67 -6.44 -21.49
N MSE A 231 -0.61 -7.74 -21.05
CA MSE A 231 0.16 -8.77 -21.78
C MSE A 231 -0.61 -9.30 -23.01
O MSE A 231 -0.02 -10.03 -23.81
CB MSE A 231 0.55 -9.93 -20.86
CG MSE A 231 1.64 -9.56 -19.87
SE MSE A 231 1.96 -11.01 -18.64
CE MSE A 231 2.88 -12.18 -19.76
N LYS A 232 -1.89 -8.93 -23.15
CA LYS A 232 -2.83 -9.31 -24.23
C LYS A 232 -3.14 -10.82 -24.19
N ARG A 233 -2.94 -11.41 -23.01
CA ARG A 233 -3.20 -12.82 -22.72
C ARG A 233 -3.37 -12.98 -21.23
N MSE A 234 -4.08 -14.05 -20.84
CA MSE A 234 -4.23 -14.41 -19.44
C MSE A 234 -2.96 -15.10 -19.01
O MSE A 234 -2.25 -15.66 -19.85
CB MSE A 234 -5.43 -15.35 -19.24
CG MSE A 234 -6.77 -14.65 -19.23
SE MSE A 234 -8.18 -15.97 -19.04
CE MSE A 234 -8.27 -16.48 -20.96
N LEU A 235 -2.67 -15.13 -17.71
CA LEU A 235 -1.54 -15.92 -17.23
C LEU A 235 -1.96 -17.39 -17.25
N GLU A 236 -1.01 -18.30 -17.40
CA GLU A 236 -1.28 -19.73 -17.38
C GLU A 236 -1.16 -20.21 -15.93
N PRO A 237 -1.90 -21.27 -15.50
CA PRO A 237 -1.80 -21.72 -14.08
C PRO A 237 -0.37 -22.05 -13.64
N GLU A 238 0.49 -22.53 -14.58
CA GLU A 238 1.92 -22.82 -14.33
C GLU A 238 2.69 -21.57 -13.88
N GLU A 239 2.33 -20.39 -14.41
CA GLU A 239 2.97 -19.11 -14.08
C GLU A 239 2.70 -18.70 -12.63
N ILE A 240 1.59 -19.16 -12.04
CA ILE A 240 1.30 -18.90 -10.63
C ILE A 240 1.98 -19.99 -9.80
N ALA A 241 1.84 -21.26 -10.22
CA ALA A 241 2.42 -22.43 -9.55
C ALA A 241 3.96 -22.31 -9.43
N ASN A 242 4.63 -21.71 -10.44
CA ASN A 242 6.09 -21.48 -10.40
C ASN A 242 6.49 -20.50 -9.29
N VAL A 243 5.57 -19.59 -8.91
CA VAL A 243 5.81 -18.64 -7.82
C VAL A 243 5.57 -19.37 -6.48
N TYR A 244 4.57 -20.28 -6.40
CA TYR A 244 4.37 -21.13 -5.20
C TYR A 244 5.66 -21.91 -4.95
N LEU A 245 6.23 -22.48 -6.02
CA LEU A 245 7.47 -23.29 -6.01
C LEU A 245 8.63 -22.50 -5.41
N PHE A 246 8.94 -21.30 -5.96
CA PHE A 246 10.02 -20.46 -5.43
C PHE A 246 9.79 -20.11 -3.96
N LEU A 247 8.56 -19.66 -3.61
CA LEU A 247 8.23 -19.22 -2.26
C LEU A 247 8.34 -20.33 -1.22
N ALA A 248 8.03 -21.59 -1.62
CA ALA A 248 8.16 -22.76 -0.76
C ALA A 248 9.64 -23.23 -0.63
N SER A 249 10.49 -22.88 -1.60
CA SER A 249 11.91 -23.28 -1.58
C SER A 249 12.73 -22.47 -0.56
N ASP A 250 13.92 -22.98 -0.19
CA ASP A 250 14.83 -22.31 0.75
C ASP A 250 15.48 -21.07 0.10
N LEU A 251 15.28 -20.85 -1.22
CA LEU A 251 15.74 -19.65 -1.93
C LEU A 251 15.01 -18.41 -1.43
N ALA A 252 13.73 -18.59 -0.96
CA ALA A 252 12.89 -17.52 -0.44
C ALA A 252 13.00 -17.41 1.08
N SER A 253 14.13 -17.83 1.69
CA SER A 253 14.28 -17.80 3.16
C SER A 253 14.13 -16.37 3.78
N GLY A 254 14.33 -15.32 2.99
CA GLY A 254 14.17 -13.95 3.47
C GLY A 254 12.78 -13.35 3.30
N ILE A 255 11.86 -14.10 2.64
CA ILE A 255 10.53 -13.58 2.32
C ILE A 255 9.45 -14.10 3.29
N THR A 256 8.83 -13.18 4.04
CA THR A 256 7.72 -13.50 4.94
C THR A 256 6.91 -12.24 5.22
N ALA A 257 5.65 -12.42 5.74
CA ALA A 257 4.73 -11.35 6.15
C ALA A 257 4.49 -10.35 5.01
N THR A 258 4.33 -10.88 3.79
CA THR A 258 4.15 -10.05 2.59
C THR A 258 3.41 -10.87 1.52
N THR A 259 2.88 -10.17 0.50
CA THR A 259 2.16 -10.79 -0.61
C THR A 259 2.86 -10.39 -1.91
N VAL A 260 3.18 -11.40 -2.74
CA VAL A 260 3.85 -11.20 -4.03
C VAL A 260 2.77 -11.09 -5.14
N SER A 261 2.76 -9.98 -5.87
CA SER A 261 1.86 -9.76 -7.00
C SER A 261 2.39 -10.50 -8.24
N VAL A 262 1.54 -11.36 -8.84
CA VAL A 262 1.82 -12.13 -10.05
C VAL A 262 0.67 -11.82 -11.01
N ASP A 263 0.63 -10.59 -11.53
CA ASP A 263 -0.53 -10.17 -12.29
C ASP A 263 -0.23 -9.64 -13.71
N GLY A 264 1.04 -9.67 -14.15
CA GLY A 264 1.41 -9.17 -15.47
C GLY A 264 0.96 -7.76 -15.76
N ALA A 265 0.96 -6.90 -14.71
CA ALA A 265 0.57 -5.48 -14.69
C ALA A 265 -0.96 -5.27 -14.92
N TYR A 266 -1.78 -6.34 -14.83
CA TYR A 266 -3.23 -6.23 -14.95
C TYR A 266 -3.79 -5.45 -13.79
N ARG A 267 -4.69 -4.50 -14.09
CA ARG A 267 -5.36 -3.70 -13.07
C ARG A 267 -6.89 -3.81 -13.24
N PRO A 268 -7.66 -4.26 -12.21
CA PRO A 268 -9.14 -4.33 -12.37
C PRO A 268 -9.77 -2.92 -12.50
N MSE B 20 -19.72 26.43 13.36
CA MSE B 20 -19.34 25.34 12.46
C MSE B 20 -20.48 24.33 12.35
O MSE B 20 -20.94 23.80 13.38
CB MSE B 20 -18.04 24.65 12.94
CG MSE B 20 -17.26 23.97 11.81
SE MSE B 20 -15.65 23.03 12.38
CE MSE B 20 -16.40 21.61 13.37
N ASN B 21 -20.93 24.08 11.10
CA ASN B 21 -22.02 23.16 10.79
CA ASN B 21 -22.00 23.15 10.80
C ASN B 21 -21.65 22.35 9.53
N LEU B 22 -20.55 21.58 9.60
CA LEU B 22 -20.01 20.80 8.48
C LEU B 22 -20.96 19.73 7.91
N VAL B 23 -21.96 19.28 8.70
CA VAL B 23 -22.89 18.23 8.26
C VAL B 23 -24.35 18.70 8.46
N GLN B 24 -24.59 20.00 8.16
CA GLN B 24 -25.91 20.61 8.30
C GLN B 24 -27.00 19.84 7.52
N ASP B 25 -28.09 19.46 8.24
CA ASP B 25 -29.28 18.78 7.74
C ASP B 25 -29.04 17.39 7.18
N LYS B 26 -27.87 16.79 7.49
CA LYS B 26 -27.53 15.46 6.99
CA LYS B 26 -27.54 15.46 6.99
C LYS B 26 -28.12 14.39 7.92
N VAL B 27 -28.94 13.49 7.35
CA VAL B 27 -29.56 12.38 8.09
C VAL B 27 -28.45 11.33 8.24
N THR B 28 -28.03 11.09 9.48
CA THR B 28 -26.88 10.24 9.79
C THR B 28 -27.21 9.07 10.70
N ILE B 29 -26.65 7.89 10.36
CA ILE B 29 -26.72 6.70 11.20
C ILE B 29 -25.31 6.38 11.64
N ILE B 30 -25.12 6.17 12.96
CA ILE B 30 -23.81 5.78 13.50
C ILE B 30 -23.95 4.41 14.20
N THR B 31 -23.34 3.34 13.61
CA THR B 31 -23.36 2.02 14.27
C THR B 31 -22.33 2.10 15.39
N GLY B 32 -22.59 1.42 16.50
CA GLY B 32 -21.70 1.53 17.66
C GLY B 32 -21.58 2.97 18.16
N GLY B 33 -22.72 3.67 18.17
CA GLY B 33 -22.79 5.06 18.59
C GLY B 33 -23.14 5.23 20.06
N THR B 34 -23.11 4.13 20.86
CA THR B 34 -23.49 4.20 22.27
C THR B 34 -22.34 4.54 23.22
N ARG B 35 -21.10 4.33 22.78
CA ARG B 35 -19.92 4.66 23.59
C ARG B 35 -18.73 4.86 22.65
N GLY B 36 -17.60 5.28 23.19
CA GLY B 36 -16.34 5.46 22.48
C GLY B 36 -16.36 6.46 21.34
N ILE B 37 -15.72 6.11 20.22
CA ILE B 37 -15.61 6.95 19.01
C ILE B 37 -17.00 7.29 18.45
N GLY B 38 -17.88 6.28 18.34
CA GLY B 38 -19.23 6.43 17.83
C GLY B 38 -20.06 7.43 18.60
N PHE B 39 -19.95 7.40 19.94
CA PHE B 39 -20.68 8.33 20.81
C PHE B 39 -20.11 9.75 20.66
N ALA B 40 -18.76 9.88 20.61
CA ALA B 40 -18.12 11.19 20.40
C ALA B 40 -18.56 11.77 19.04
N ALA B 41 -18.73 10.89 18.01
CA ALA B 41 -19.20 11.29 16.69
C ALA B 41 -20.68 11.75 16.76
N ALA B 42 -21.52 11.06 17.56
CA ALA B 42 -22.94 11.44 17.75
C ALA B 42 -23.02 12.91 18.20
N LYS B 43 -22.24 13.27 19.23
CA LYS B 43 -22.16 14.62 19.81
C LYS B 43 -21.67 15.65 18.78
N ILE B 44 -20.53 15.38 18.12
CA ILE B 44 -19.91 16.27 17.15
C ILE B 44 -20.84 16.44 15.93
N PHE B 45 -21.52 15.36 15.49
CA PHE B 45 -22.46 15.44 14.37
C PHE B 45 -23.70 16.27 14.76
N ILE B 46 -24.24 16.12 16.00
CA ILE B 46 -25.37 16.95 16.47
C ILE B 46 -24.91 18.43 16.54
N ASP B 47 -23.67 18.68 17.06
CA ASP B 47 -23.10 20.03 17.13
C ASP B 47 -22.98 20.68 15.77
N ASN B 48 -22.81 19.87 14.71
CA ASN B 48 -22.60 20.35 13.34
C ASN B 48 -23.86 20.29 12.44
N GLY B 49 -25.05 20.24 13.06
CA GLY B 49 -26.32 20.31 12.36
C GLY B 49 -26.91 19.04 11.75
N ALA B 50 -26.32 17.86 12.03
CA ALA B 50 -26.84 16.60 11.50
C ALA B 50 -28.06 16.11 12.29
N LYS B 51 -28.87 15.23 11.65
CA LYS B 51 -29.99 14.52 12.30
C LYS B 51 -29.43 13.13 12.58
N VAL B 52 -29.14 12.83 13.85
CA VAL B 52 -28.44 11.61 14.23
C VAL B 52 -29.33 10.51 14.81
N SER B 53 -29.05 9.25 14.37
CA SER B 53 -29.60 7.99 14.86
C SER B 53 -28.41 7.09 15.21
N ILE B 54 -28.48 6.38 16.35
CA ILE B 54 -27.37 5.50 16.74
C ILE B 54 -27.81 4.04 16.86
N PHE B 55 -26.87 3.11 16.62
CA PHE B 55 -27.08 1.69 16.87
C PHE B 55 -26.12 1.28 17.99
N GLY B 56 -26.53 0.29 18.77
CA GLY B 56 -25.73 -0.29 19.86
C GLY B 56 -25.91 -1.78 19.87
N GLU B 57 -25.06 -2.51 20.61
CA GLU B 57 -25.19 -3.98 20.66
C GLU B 57 -26.50 -4.41 21.34
N THR B 58 -26.81 -3.80 22.49
CA THR B 58 -28.00 -4.14 23.28
C THR B 58 -28.90 -2.92 23.45
N GLN B 59 -30.21 -3.16 23.76
CA GLN B 59 -31.17 -2.10 24.02
C GLN B 59 -30.77 -1.29 25.26
N GLU B 60 -30.17 -1.97 26.28
CA GLU B 60 -29.71 -1.34 27.52
CA GLU B 60 -29.70 -1.33 27.52
C GLU B 60 -28.64 -0.26 27.21
N GLU B 61 -27.66 -0.59 26.33
CA GLU B 61 -26.60 0.36 25.92
C GLU B 61 -27.21 1.56 25.19
N VAL B 62 -28.20 1.28 24.31
CA VAL B 62 -28.92 2.30 23.54
C VAL B 62 -29.66 3.24 24.52
N ASP B 63 -30.40 2.70 25.50
CA ASP B 63 -31.15 3.50 26.48
C ASP B 63 -30.20 4.41 27.27
N THR B 64 -29.05 3.88 27.73
CA THR B 64 -28.03 4.64 28.46
C THR B 64 -27.51 5.83 27.61
N ALA B 65 -27.12 5.56 26.35
CA ALA B 65 -26.60 6.60 25.44
C ALA B 65 -27.66 7.66 25.10
N LEU B 66 -28.92 7.24 24.85
CA LEU B 66 -30.00 8.18 24.52
C LEU B 66 -30.28 9.10 25.70
N ALA B 67 -30.20 8.57 26.94
CA ALA B 67 -30.42 9.35 28.17
C ALA B 67 -29.28 10.36 28.37
N GLN B 68 -28.02 9.95 28.05
CA GLN B 68 -26.84 10.83 28.12
C GLN B 68 -26.97 11.98 27.10
N LEU B 69 -27.42 11.64 25.87
CA LEU B 69 -27.62 12.62 24.81
C LEU B 69 -28.81 13.54 25.10
N LYS B 70 -29.82 13.06 25.86
CA LYS B 70 -30.99 13.85 26.25
C LYS B 70 -30.58 14.92 27.27
N GLU B 71 -29.66 14.61 28.21
CA GLU B 71 -29.11 15.56 29.17
C GLU B 71 -28.32 16.68 28.44
N LEU B 72 -27.44 16.28 27.49
CA LEU B 72 -26.60 17.19 26.69
C LEU B 72 -27.41 18.02 25.69
N TYR B 73 -28.39 17.40 25.02
CA TYR B 73 -29.23 18.04 24.01
C TYR B 73 -30.73 17.77 24.32
N PRO B 74 -31.33 18.57 25.23
CA PRO B 74 -32.72 18.31 25.66
C PRO B 74 -33.80 18.45 24.57
N GLU B 75 -33.55 19.29 23.55
CA GLU B 75 -34.53 19.52 22.49
CA GLU B 75 -34.50 19.55 22.48
C GLU B 75 -34.24 18.68 21.24
N GLU B 76 -33.18 17.84 21.26
CA GLU B 76 -32.83 17.02 20.10
CA GLU B 76 -32.84 17.02 20.10
C GLU B 76 -33.38 15.59 20.22
N GLU B 77 -34.07 15.15 19.16
CA GLU B 77 -34.59 13.81 19.05
C GLU B 77 -33.51 12.95 18.37
N VAL B 78 -33.10 11.87 19.05
CA VAL B 78 -32.12 10.91 18.57
C VAL B 78 -32.79 9.54 18.63
N LEU B 79 -32.83 8.84 17.50
CA LEU B 79 -33.40 7.49 17.44
C LEU B 79 -32.31 6.50 17.82
N GLY B 80 -32.70 5.42 18.47
CA GLY B 80 -31.76 4.38 18.86
C GLY B 80 -32.32 3.00 18.55
N PHE B 81 -31.45 2.11 18.04
CA PHE B 81 -31.80 0.74 17.67
C PHE B 81 -30.70 -0.22 18.07
N ALA B 82 -31.04 -1.50 18.26
CA ALA B 82 -30.02 -2.49 18.60
C ALA B 82 -30.10 -3.70 17.63
N PRO B 83 -30.03 -3.52 16.29
CA PRO B 83 -30.10 -4.71 15.42
C PRO B 83 -28.88 -5.62 15.49
N ASP B 84 -29.11 -6.92 15.28
CA ASP B 84 -28.03 -7.90 15.14
C ASP B 84 -27.31 -7.53 13.82
N LEU B 85 -26.07 -7.00 13.90
CA LEU B 85 -25.34 -6.54 12.71
C LEU B 85 -25.00 -7.67 11.71
N THR B 86 -25.04 -8.94 12.17
CA THR B 86 -24.77 -10.11 11.31
C THR B 86 -26.00 -10.45 10.47
N SER B 87 -27.18 -9.92 10.84
CA SER B 87 -28.42 -10.16 10.11
C SER B 87 -28.76 -8.93 9.25
N ARG B 88 -28.72 -9.07 7.91
CA ARG B 88 -29.02 -7.95 7.02
C ARG B 88 -30.48 -7.51 7.15
N ASP B 89 -31.41 -8.46 7.41
CA ASP B 89 -32.84 -8.13 7.60
C ASP B 89 -33.04 -7.28 8.85
N ALA B 90 -32.32 -7.59 9.95
CA ALA B 90 -32.41 -6.82 11.19
C ALA B 90 -31.82 -5.41 11.00
N VAL B 91 -30.71 -5.28 10.23
CA VAL B 91 -30.08 -3.97 9.93
C VAL B 91 -31.03 -3.17 9.02
N MSE B 92 -31.62 -3.84 8.01
CA MSE B 92 -32.55 -3.20 7.06
C MSE B 92 -33.79 -2.65 7.78
O MSE B 92 -34.21 -1.53 7.51
CB MSE B 92 -32.96 -4.15 5.93
CG MSE B 92 -33.68 -3.46 4.74
SE MSE B 92 -32.63 -2.01 3.89
CE MSE B 92 -33.42 -0.63 4.60
N ALA B 93 -34.33 -3.40 8.77
CA ALA B 93 -35.48 -2.95 9.54
C ALA B 93 -35.18 -1.63 10.27
N ALA B 94 -33.98 -1.53 10.91
CA ALA B 94 -33.55 -0.34 11.63
C ALA B 94 -33.21 0.84 10.66
N VAL B 95 -32.40 0.58 9.61
CA VAL B 95 -32.03 1.61 8.61
C VAL B 95 -33.29 2.14 7.92
N GLY B 96 -34.21 1.23 7.57
CA GLY B 96 -35.49 1.55 6.94
C GLY B 96 -36.35 2.51 7.73
N GLN B 97 -36.39 2.35 9.08
CA GLN B 97 -37.16 3.21 9.97
C GLN B 97 -36.61 4.64 9.96
N VAL B 98 -35.26 4.81 9.95
CA VAL B 98 -34.62 6.12 9.91
C VAL B 98 -34.98 6.81 8.57
N ALA B 99 -34.80 6.09 7.45
CA ALA B 99 -35.06 6.60 6.09
C ALA B 99 -36.53 6.92 5.90
N GLN B 100 -37.43 6.14 6.51
CA GLN B 100 -38.85 6.40 6.40
C GLN B 100 -39.28 7.60 7.25
N LYS B 101 -38.63 7.85 8.42
CA LYS B 101 -38.91 8.99 9.28
C LYS B 101 -38.49 10.32 8.62
N TYR B 102 -37.29 10.37 7.98
CA TYR B 102 -36.80 11.64 7.41
C TYR B 102 -36.85 11.71 5.87
N GLY B 103 -37.30 10.63 5.22
CA GLY B 103 -37.42 10.61 3.76
C GLY B 103 -36.14 10.41 2.99
N ARG B 104 -35.00 10.30 3.69
CA ARG B 104 -33.68 10.12 3.10
C ARG B 104 -32.67 9.63 4.13
N LEU B 105 -31.49 9.22 3.63
CA LEU B 105 -30.34 8.81 4.42
C LEU B 105 -29.12 9.43 3.75
N ASP B 106 -28.47 10.38 4.43
CA ASP B 106 -27.32 11.08 3.85
C ASP B 106 -25.97 10.45 4.21
N VAL B 107 -25.82 9.95 5.46
CA VAL B 107 -24.54 9.45 5.95
C VAL B 107 -24.75 8.13 6.72
N MSE B 108 -23.90 7.14 6.44
CA MSE B 108 -23.86 5.85 7.15
C MSE B 108 -22.46 5.65 7.71
O MSE B 108 -21.50 5.64 6.93
CB MSE B 108 -24.26 4.67 6.24
CG MSE B 108 -24.20 3.27 6.95
SE MSE B 108 -25.58 3.18 8.33
CE MSE B 108 -25.75 1.30 8.61
N ILE B 109 -22.34 5.48 9.02
CA ILE B 109 -21.04 5.25 9.62
C ILE B 109 -21.03 3.86 10.23
N ASN B 110 -20.30 2.92 9.59
CA ASN B 110 -20.14 1.55 10.07
C ASN B 110 -18.95 1.54 11.01
N ASN B 111 -19.18 2.05 12.23
CA ASN B 111 -18.18 2.25 13.28
C ASN B 111 -18.13 1.09 14.29
N ALA B 112 -19.24 0.35 14.54
CA ALA B 112 -19.22 -0.77 15.51
C ALA B 112 -18.14 -1.77 15.14
N GLY B 113 -17.38 -2.20 16.13
CA GLY B 113 -16.28 -3.13 15.92
C GLY B 113 -15.67 -3.62 17.22
N ILE B 114 -14.91 -4.71 17.11
CA ILE B 114 -14.23 -5.37 18.23
C ILE B 114 -12.77 -5.66 17.84
N THR B 115 -11.96 -6.03 18.84
CA THR B 115 -10.55 -6.33 18.64
C THR B 115 -10.22 -7.77 19.10
N SER B 116 -8.94 -8.16 18.95
CA SER B 116 -8.39 -9.46 19.34
C SER B 116 -6.90 -9.31 19.64
N ASN B 117 -6.39 -10.05 20.62
CA ASN B 117 -4.96 -10.02 20.96
C ASN B 117 -4.43 -11.42 21.28
N ASN B 118 -5.27 -12.47 21.13
CA ASN B 118 -4.87 -13.83 21.46
C ASN B 118 -3.74 -14.34 20.57
N VAL B 119 -2.80 -15.11 21.16
CA VAL B 119 -1.72 -15.74 20.38
C VAL B 119 -2.42 -16.76 19.46
N PHE B 120 -1.90 -16.94 18.23
CA PHE B 120 -2.47 -17.77 17.16
C PHE B 120 -2.97 -19.14 17.62
N SER B 121 -2.19 -19.88 18.41
CA SER B 121 -2.58 -21.19 18.89
C SER B 121 -3.86 -21.15 19.75
N ARG B 122 -4.07 -20.03 20.48
CA ARG B 122 -5.21 -19.80 21.39
CA ARG B 122 -5.21 -19.84 21.37
C ARG B 122 -6.39 -19.10 20.69
N VAL B 123 -6.30 -18.87 19.36
CA VAL B 123 -7.43 -18.24 18.64
C VAL B 123 -8.36 -19.38 18.28
N SER B 124 -9.53 -19.46 18.92
CA SER B 124 -10.50 -20.51 18.64
C SER B 124 -11.25 -20.21 17.32
N GLU B 125 -11.94 -21.24 16.78
CA GLU B 125 -12.79 -21.10 15.59
C GLU B 125 -13.86 -20.06 15.82
N GLU B 126 -14.47 -20.11 17.02
CA GLU B 126 -15.55 -19.24 17.49
CA GLU B 126 -15.56 -19.21 17.41
C GLU B 126 -15.06 -17.78 17.53
N GLU B 127 -13.86 -17.55 18.12
CA GLU B 127 -13.34 -16.18 18.21
C GLU B 127 -13.06 -15.60 16.82
N PHE B 128 -12.44 -16.39 15.92
CA PHE B 128 -12.12 -15.91 14.55
C PHE B 128 -13.43 -15.62 13.79
N LYS B 129 -14.42 -16.54 13.85
CA LYS B 129 -15.73 -16.37 13.21
C LYS B 129 -16.43 -15.09 13.68
N HIS B 130 -16.43 -14.83 15.01
CA HIS B 130 -17.13 -13.70 15.60
C HIS B 130 -16.53 -12.35 15.17
N ILE B 131 -15.18 -12.20 15.21
CA ILE B 131 -14.55 -10.93 14.79
C ILE B 131 -14.77 -10.73 13.27
N MSE B 132 -14.71 -11.81 12.46
CA MSE B 132 -14.98 -11.71 11.02
C MSE B 132 -16.44 -11.28 10.79
O MSE B 132 -16.71 -10.44 9.93
CB MSE B 132 -14.69 -13.03 10.29
CG MSE B 132 -13.19 -13.36 10.16
SE MSE B 132 -12.00 -11.98 9.41
CE MSE B 132 -12.75 -11.80 7.71
N ASP B 133 -17.39 -11.84 11.60
CA ASP B 133 -18.82 -11.52 11.51
C ASP B 133 -19.13 -10.05 11.85
N ILE B 134 -18.69 -9.58 13.02
CA ILE B 134 -18.95 -8.20 13.46
C ILE B 134 -18.19 -7.19 12.60
N ASN B 135 -16.86 -7.34 12.48
CA ASN B 135 -16.04 -6.34 11.79
C ASN B 135 -16.20 -6.33 10.27
N VAL B 136 -16.57 -7.44 9.63
CA VAL B 136 -16.68 -7.43 8.17
C VAL B 136 -18.13 -7.57 7.73
N THR B 137 -18.83 -8.66 8.14
CA THR B 137 -20.23 -8.85 7.72
C THR B 137 -21.11 -7.69 8.26
N GLY B 138 -20.81 -7.19 9.44
CA GLY B 138 -21.52 -6.04 10.02
C GLY B 138 -21.38 -4.79 9.17
N VAL B 139 -20.16 -4.55 8.62
CA VAL B 139 -19.85 -3.41 7.76
C VAL B 139 -20.55 -3.62 6.40
N PHE B 140 -20.46 -4.82 5.82
CA PHE B 140 -21.11 -5.16 4.55
C PHE B 140 -22.63 -4.93 4.67
N ASN B 141 -23.27 -5.43 5.75
CA ASN B 141 -24.72 -5.30 5.96
C ASN B 141 -25.14 -3.84 6.08
N GLY B 142 -24.41 -3.05 6.86
CA GLY B 142 -24.69 -1.63 7.03
C GLY B 142 -24.53 -0.85 5.73
N ALA B 143 -23.43 -1.11 4.98
CA ALA B 143 -23.18 -0.46 3.70
C ALA B 143 -24.24 -0.85 2.66
N TRP B 144 -24.66 -2.14 2.63
CA TRP B 144 -25.67 -2.62 1.69
C TRP B 144 -27.01 -1.97 1.97
N CYS B 145 -27.43 -1.93 3.25
CA CYS B 145 -28.72 -1.32 3.65
C CYS B 145 -28.72 0.20 3.37
N ALA B 146 -27.59 0.91 3.66
CA ALA B 146 -27.45 2.35 3.37
C ALA B 146 -27.58 2.61 1.86
N TYR B 147 -26.86 1.82 1.04
CA TYR B 147 -26.87 1.90 -0.43
C TYR B 147 -28.29 1.78 -0.97
N GLN B 148 -29.09 0.83 -0.45
CA GLN B 148 -30.49 0.63 -0.89
C GLN B 148 -31.34 1.89 -0.65
N CYS B 149 -31.06 2.65 0.45
CA CYS B 149 -31.78 3.88 0.80
C CYS B 149 -31.17 5.12 0.11
N MSE B 150 -29.94 5.02 -0.45
CA MSE B 150 -29.24 6.15 -1.08
C MSE B 150 -29.25 6.11 -2.61
O MSE B 150 -29.15 7.17 -3.23
CB MSE B 150 -27.76 6.16 -0.66
CG MSE B 150 -27.51 6.47 0.82
SE MSE B 150 -25.64 6.15 1.26
CE MSE B 150 -25.66 6.82 3.07
N LYS B 151 -29.27 4.91 -3.23
CA LYS B 151 -29.12 4.71 -4.67
C LYS B 151 -30.07 5.51 -5.55
N ASP B 152 -31.36 5.65 -5.18
CA ASP B 152 -32.33 6.39 -6.00
C ASP B 152 -32.13 7.90 -5.85
N ALA B 153 -31.62 8.36 -4.69
CA ALA B 153 -31.33 9.78 -4.41
C ALA B 153 -30.05 10.21 -5.13
N LYS B 154 -29.21 9.24 -5.53
CA LYS B 154 -27.92 9.43 -6.22
C LYS B 154 -27.04 10.41 -5.45
N LYS B 155 -26.92 10.19 -4.15
CA LYS B 155 -26.06 10.93 -3.23
C LYS B 155 -25.98 10.19 -1.90
N GLY B 156 -24.90 10.43 -1.18
CA GLY B 156 -24.66 9.78 0.10
C GLY B 156 -23.21 9.52 0.36
N VAL B 157 -22.89 9.20 1.63
CA VAL B 157 -21.53 8.89 2.08
C VAL B 157 -21.59 7.70 3.02
N ILE B 158 -20.75 6.70 2.79
CA ILE B 158 -20.62 5.52 3.65
C ILE B 158 -19.20 5.55 4.22
N ILE B 159 -19.08 5.58 5.57
CA ILE B 159 -17.79 5.63 6.28
C ILE B 159 -17.60 4.28 6.99
N ASN B 160 -16.49 3.58 6.72
CA ASN B 160 -16.20 2.28 7.34
C ASN B 160 -14.98 2.37 8.21
N THR B 161 -15.08 1.93 9.47
CA THR B 161 -13.95 2.02 10.39
C THR B 161 -13.07 0.77 10.29
N ALA B 162 -11.84 0.97 9.80
CA ALA B 162 -10.83 -0.07 9.72
C ALA B 162 -9.93 0.05 10.96
N SER B 163 -8.59 -0.06 10.79
CA SER B 163 -7.57 0.04 11.83
C SER B 163 -6.21 0.11 11.20
N VAL B 164 -5.24 0.67 11.93
CA VAL B 164 -3.82 0.71 11.56
C VAL B 164 -3.32 -0.76 11.28
N THR B 165 -3.88 -1.76 12.01
CA THR B 165 -3.50 -3.18 11.85
C THR B 165 -3.89 -3.72 10.47
N GLY B 166 -4.90 -3.12 9.82
CA GLY B 166 -5.32 -3.51 8.47
C GLY B 166 -4.26 -3.18 7.42
N ILE B 167 -3.30 -2.27 7.75
CA ILE B 167 -2.20 -1.84 6.88
C ILE B 167 -0.86 -2.41 7.34
N PHE B 168 -0.58 -2.35 8.66
CA PHE B 168 0.74 -2.71 9.19
C PHE B 168 0.76 -4.06 9.94
N GLY B 169 -0.36 -4.78 9.92
CA GLY B 169 -0.49 -6.07 10.59
C GLY B 169 -0.47 -5.90 12.11
N SER B 170 -0.17 -6.99 12.82
CA SER B 170 -0.09 -7.01 14.28
C SER B 170 0.84 -8.13 14.72
N LEU B 171 1.19 -8.18 16.01
CA LEU B 171 2.05 -9.23 16.53
C LEU B 171 1.24 -10.37 17.17
N SER B 172 -0.10 -10.19 17.33
CA SER B 172 -1.01 -11.20 17.87
C SER B 172 -2.47 -10.87 17.49
N GLY B 173 -3.41 -11.77 17.80
CA GLY B 173 -4.83 -11.62 17.50
C GLY B 173 -5.10 -11.45 16.01
N VAL B 174 -4.63 -12.43 15.20
CA VAL B 174 -4.67 -12.44 13.73
C VAL B 174 -6.04 -12.04 13.11
N GLY B 175 -7.15 -12.30 13.81
CA GLY B 175 -8.50 -11.94 13.36
C GLY B 175 -8.70 -10.44 13.23
N TYR B 176 -7.97 -9.66 14.04
CA TYR B 176 -8.03 -8.20 14.06
C TYR B 176 -7.38 -7.62 12.75
N PRO B 177 -6.08 -7.84 12.37
CA PRO B 177 -5.62 -7.34 11.07
C PRO B 177 -6.37 -7.96 9.89
N ALA B 178 -6.75 -9.26 9.95
CA ALA B 178 -7.48 -9.92 8.87
C ALA B 178 -8.83 -9.25 8.61
N SER B 179 -9.62 -8.98 9.68
CA SER B 179 -10.92 -8.33 9.53
C SER B 179 -10.79 -6.85 9.13
N LYS B 180 -9.81 -6.12 9.70
CA LYS B 180 -9.67 -4.69 9.39
C LYS B 180 -9.06 -4.45 8.00
N ALA B 181 -8.21 -5.37 7.49
CA ALA B 181 -7.71 -5.30 6.11
C ALA B 181 -8.84 -5.55 5.13
N SER B 182 -9.77 -6.47 5.50
CA SER B 182 -10.96 -6.79 4.70
C SER B 182 -11.84 -5.54 4.54
N VAL B 183 -12.00 -4.76 5.64
CA VAL B 183 -12.76 -3.49 5.64
C VAL B 183 -12.14 -2.50 4.62
N ILE B 184 -10.81 -2.40 4.60
CA ILE B 184 -10.09 -1.53 3.65
C ILE B 184 -10.37 -2.01 2.20
N GLY B 185 -10.30 -3.34 1.99
CA GLY B 185 -10.56 -3.96 0.68
C GLY B 185 -11.98 -3.76 0.19
N LEU B 186 -12.96 -3.91 1.11
CA LEU B 186 -14.39 -3.68 0.87
C LEU B 186 -14.60 -2.21 0.48
N THR B 187 -14.00 -1.27 1.24
CA THR B 187 -14.09 0.17 1.00
C THR B 187 -13.55 0.50 -0.40
N HIS B 188 -12.37 -0.05 -0.76
CA HIS B 188 -11.74 0.20 -2.07
C HIS B 188 -12.64 -0.28 -3.22
N GLY B 189 -13.05 -1.54 -3.17
CA GLY B 189 -13.92 -2.14 -4.19
C GLY B 189 -15.29 -1.48 -4.29
N LEU B 190 -15.97 -1.30 -3.14
CA LEU B 190 -17.30 -0.69 -3.11
C LEU B 190 -17.26 0.76 -3.63
N GLY B 191 -16.25 1.53 -3.18
CA GLY B 191 -16.06 2.91 -3.61
C GLY B 191 -15.92 3.04 -5.12
N ARG B 192 -15.13 2.15 -5.73
CA ARG B 192 -14.92 2.12 -7.18
C ARG B 192 -16.21 1.74 -7.92
N GLU B 193 -16.96 0.80 -7.36
CA GLU B 193 -18.21 0.29 -7.94
C GLU B 193 -19.36 1.33 -7.93
N ILE B 194 -19.60 1.99 -6.80
CA ILE B 194 -20.82 2.83 -6.70
C ILE B 194 -20.58 4.35 -6.87
N ILE B 195 -19.35 4.80 -7.22
CA ILE B 195 -19.08 6.23 -7.43
C ILE B 195 -19.97 6.77 -8.59
N ARG B 196 -20.38 5.92 -9.56
CA ARG B 196 -21.24 6.34 -10.67
C ARG B 196 -22.66 6.74 -10.19
N LYS B 197 -23.04 6.32 -8.95
CA LYS B 197 -24.32 6.68 -8.34
CA LYS B 197 -24.32 6.68 -8.34
C LYS B 197 -24.13 7.87 -7.38
N ASN B 198 -22.93 8.53 -7.43
CA ASN B 198 -22.53 9.72 -6.64
CA ASN B 198 -22.52 9.70 -6.64
C ASN B 198 -22.57 9.39 -5.13
N ILE B 199 -22.25 8.14 -4.76
CA ILE B 199 -22.18 7.72 -3.36
C ILE B 199 -20.70 7.50 -3.06
N ARG B 200 -20.18 8.21 -2.03
CA ARG B 200 -18.77 8.07 -1.64
C ARG B 200 -18.64 7.01 -0.55
N VAL B 201 -17.53 6.25 -0.61
CA VAL B 201 -17.21 5.18 0.36
C VAL B 201 -15.80 5.45 0.82
N VAL B 202 -15.63 5.75 2.12
CA VAL B 202 -14.32 6.09 2.67
CA VAL B 202 -14.33 6.09 2.68
C VAL B 202 -14.06 5.31 3.96
N GLY B 203 -12.81 4.94 4.17
CA GLY B 203 -12.39 4.23 5.37
C GLY B 203 -11.63 5.15 6.30
N VAL B 204 -11.58 4.78 7.59
CA VAL B 204 -10.85 5.47 8.64
C VAL B 204 -10.10 4.39 9.40
N ALA B 205 -8.77 4.51 9.51
CA ALA B 205 -7.90 3.53 10.18
C ALA B 205 -7.23 4.17 11.40
N PRO B 206 -7.88 4.07 12.59
CA PRO B 206 -7.28 4.68 13.79
C PRO B 206 -6.09 3.88 14.35
N GLY B 207 -5.26 4.54 15.16
CA GLY B 207 -4.12 3.91 15.82
C GLY B 207 -4.52 3.31 17.15
N VAL B 208 -4.22 4.01 18.26
CA VAL B 208 -4.60 3.61 19.63
C VAL B 208 -5.44 4.73 20.19
N VAL B 209 -6.72 4.43 20.46
CA VAL B 209 -7.68 5.44 20.90
C VAL B 209 -8.13 5.15 22.33
N ASN B 210 -8.26 6.20 23.14
CA ASN B 210 -8.67 6.12 24.53
C ASN B 210 -10.19 5.84 24.65
N THR B 211 -10.57 4.57 24.65
CA THR B 211 -11.98 4.12 24.78
C THR B 211 -12.03 2.89 25.70
N ASP B 212 -13.23 2.31 25.91
CA ASP B 212 -13.41 1.06 26.66
C ASP B 212 -12.70 -0.13 25.99
N MSE B 213 -12.52 -0.07 24.65
CA MSE B 213 -11.81 -1.11 23.91
C MSE B 213 -10.33 -1.26 24.36
O MSE B 213 -9.80 -2.37 24.37
CB MSE B 213 -11.83 -0.81 22.40
CG MSE B 213 -11.03 -1.83 21.59
SE MSE B 213 -11.41 -1.78 19.69
CE MSE B 213 -13.13 -2.34 19.86
N THR B 214 -9.67 -0.13 24.68
CA THR B 214 -8.24 -0.16 25.03
C THR B 214 -7.96 0.05 26.51
N ASN B 215 -8.88 0.70 27.28
CA ASN B 215 -8.66 1.00 28.71
CA ASN B 215 -8.63 0.99 28.70
C ASN B 215 -8.85 -0.21 29.64
N GLY B 216 -9.34 -1.33 29.10
CA GLY B 216 -9.57 -2.53 29.88
C GLY B 216 -8.34 -3.42 30.03
N ASN B 217 -7.30 -3.16 29.24
CA ASN B 217 -6.04 -3.92 29.24
C ASN B 217 -5.28 -3.87 30.60
N PRO B 218 -4.44 -4.91 30.92
CA PRO B 218 -3.61 -4.85 32.14
C PRO B 218 -2.64 -3.65 32.13
N PRO B 219 -2.16 -3.17 33.31
CA PRO B 219 -1.29 -1.97 33.33
C PRO B 219 0.00 -2.07 32.50
N GLU B 220 0.61 -3.28 32.41
CA GLU B 220 1.82 -3.53 31.63
C GLU B 220 1.57 -3.32 30.14
N ILE B 221 0.38 -3.74 29.63
CA ILE B 221 0.00 -3.54 28.22
C ILE B 221 -0.24 -2.03 27.98
N MSE B 222 -0.89 -1.33 28.95
CA MSE B 222 -1.14 0.12 28.88
C MSE B 222 0.18 0.88 28.79
O MSE B 222 0.37 1.71 27.89
CB MSE B 222 -1.94 0.60 30.12
CG MSE B 222 -3.38 0.08 30.19
SE MSE B 222 -4.46 0.34 28.57
CE MSE B 222 -4.06 2.26 28.09
N GLU B 223 1.12 0.54 29.70
CA GLU B 223 2.48 1.06 29.75
C GLU B 223 3.17 0.85 28.39
N GLY B 224 3.01 -0.36 27.84
CA GLY B 224 3.53 -0.76 26.55
C GLY B 224 3.07 0.14 25.42
N TYR B 225 1.74 0.35 25.32
CA TYR B 225 1.13 1.22 24.32
C TYR B 225 1.69 2.65 24.42
N LEU B 226 1.63 3.24 25.64
CA LEU B 226 2.05 4.61 25.93
C LEU B 226 3.54 4.89 25.62
N LYS B 227 4.42 3.88 25.73
CA LYS B 227 5.84 4.04 25.38
C LYS B 227 6.04 3.85 23.87
N ALA B 228 5.22 3.00 23.23
CA ALA B 228 5.28 2.72 21.79
C ALA B 228 4.66 3.84 20.93
N LEU B 229 3.77 4.65 21.53
CA LEU B 229 3.10 5.74 20.83
C LEU B 229 4.06 6.96 20.61
N PRO B 230 4.38 7.31 19.32
CA PRO B 230 5.27 8.44 19.02
C PRO B 230 4.78 9.79 19.60
N MSE B 231 3.46 9.97 19.76
CA MSE B 231 2.90 11.20 20.35
C MSE B 231 2.95 11.18 21.87
O MSE B 231 2.66 12.20 22.50
CB MSE B 231 1.46 11.40 19.90
CG MSE B 231 1.36 11.89 18.47
SE MSE B 231 -0.48 11.95 17.90
CE MSE B 231 -0.90 13.68 18.54
N LYS B 232 3.32 10.02 22.46
CA LYS B 232 3.41 9.74 23.92
C LYS B 232 2.04 9.93 24.62
N ARG B 233 0.96 9.70 23.87
CA ARG B 233 -0.44 9.75 24.33
C ARG B 233 -1.31 9.01 23.33
N MSE B 234 -2.43 8.45 23.80
CA MSE B 234 -3.37 7.85 22.89
C MSE B 234 -4.16 8.95 22.22
O MSE B 234 -4.26 10.07 22.75
CB MSE B 234 -4.35 6.91 23.62
CG MSE B 234 -3.71 5.65 24.20
SE MSE B 234 -5.07 4.63 25.18
CE MSE B 234 -5.20 5.74 26.70
N LEU B 235 -4.80 8.64 21.12
CA LEU B 235 -5.70 9.62 20.53
C LEU B 235 -7.00 9.61 21.33
N GLU B 236 -7.69 10.76 21.38
CA GLU B 236 -8.97 10.85 22.07
C GLU B 236 -10.08 10.47 21.06
N PRO B 237 -11.26 9.92 21.51
CA PRO B 237 -12.30 9.54 20.53
C PRO B 237 -12.74 10.70 19.62
N GLU B 238 -12.69 11.95 20.13
CA GLU B 238 -13.01 13.18 19.37
C GLU B 238 -12.09 13.35 18.15
N GLU B 239 -10.81 12.95 18.27
CA GLU B 239 -9.81 13.05 17.19
C GLU B 239 -10.15 12.09 16.03
N ILE B 240 -10.88 11.01 16.30
CA ILE B 240 -11.32 10.11 15.24
C ILE B 240 -12.65 10.64 14.68
N ALA B 241 -13.58 11.01 15.59
CA ALA B 241 -14.90 11.56 15.24
C ALA B 241 -14.79 12.82 14.36
N ASN B 242 -13.74 13.67 14.58
CA ASN B 242 -13.50 14.87 13.77
C ASN B 242 -13.15 14.52 12.32
N VAL B 243 -12.56 13.33 12.09
CA VAL B 243 -12.23 12.84 10.76
C VAL B 243 -13.53 12.28 10.12
N TYR B 244 -14.39 11.57 10.90
CA TYR B 244 -15.72 11.15 10.40
C TYR B 244 -16.47 12.38 9.88
N LEU B 245 -16.44 13.47 10.69
CA LEU B 245 -17.11 14.74 10.40
C LEU B 245 -16.66 15.31 9.04
N PHE B 246 -15.34 15.50 8.85
CA PHE B 246 -14.83 16.03 7.60
C PHE B 246 -15.20 15.14 6.40
N LEU B 247 -15.01 13.81 6.55
CA LEU B 247 -15.28 12.85 5.48
C LEU B 247 -16.74 12.79 5.07
N ALA B 248 -17.67 13.00 6.03
CA ALA B 248 -19.11 13.06 5.77
C ALA B 248 -19.52 14.41 5.14
N SER B 249 -18.74 15.49 5.36
CA SER B 249 -19.07 16.82 4.82
C SER B 249 -18.83 16.90 3.31
N ASP B 250 -19.41 17.93 2.65
CA ASP B 250 -19.26 18.16 1.21
C ASP B 250 -17.84 18.70 0.90
N LEU B 251 -17.03 19.00 1.93
CA LEU B 251 -15.63 19.40 1.78
C LEU B 251 -14.79 18.25 1.23
N ALA B 252 -15.19 17.00 1.57
CA ALA B 252 -14.51 15.78 1.14
C ALA B 252 -15.14 15.21 -0.14
N SER B 253 -15.77 16.04 -1.00
CA SER B 253 -16.42 15.56 -2.22
C SER B 253 -15.45 14.81 -3.20
N GLY B 254 -14.15 15.04 -3.10
CA GLY B 254 -13.19 14.34 -3.95
C GLY B 254 -12.62 13.06 -3.38
N ILE B 255 -12.95 12.73 -2.12
CA ILE B 255 -12.41 11.56 -1.44
C ILE B 255 -13.36 10.34 -1.47
N THR B 256 -12.94 9.26 -2.12
CA THR B 256 -13.69 7.99 -2.17
C THR B 256 -12.75 6.84 -2.48
N ALA B 257 -13.21 5.58 -2.22
CA ALA B 257 -12.50 4.33 -2.52
C ALA B 257 -11.08 4.31 -1.93
N THR B 258 -10.95 4.81 -0.68
CA THR B 258 -9.67 4.93 0.03
C THR B 258 -9.91 4.91 1.52
N THR B 259 -8.85 4.68 2.30
CA THR B 259 -8.90 4.65 3.76
C THR B 259 -7.89 5.68 4.30
N VAL B 260 -8.37 6.56 5.19
CA VAL B 260 -7.55 7.62 5.78
C VAL B 260 -6.99 7.11 7.13
N SER B 261 -5.67 7.09 7.26
CA SER B 261 -4.97 6.71 8.50
C SER B 261 -5.00 7.87 9.49
N VAL B 262 -5.49 7.60 10.72
CA VAL B 262 -5.58 8.55 11.84
C VAL B 262 -4.91 7.85 13.01
N ASP B 263 -3.57 7.72 12.93
CA ASP B 263 -2.87 6.92 13.92
C ASP B 263 -1.73 7.63 14.67
N GLY B 264 -1.50 8.91 14.39
CA GLY B 264 -0.44 9.67 15.02
C GLY B 264 0.96 9.04 14.91
N ALA B 265 1.21 8.37 13.75
CA ALA B 265 2.44 7.64 13.39
C ALA B 265 2.66 6.34 14.22
N TYR B 266 1.62 5.88 14.93
CA TYR B 266 1.70 4.62 15.71
C TYR B 266 1.86 3.43 14.76
N ARG B 267 2.79 2.52 15.09
CA ARG B 267 3.00 1.32 14.28
C ARG B 267 2.91 0.07 15.16
N PRO B 268 1.88 -0.80 14.98
CA PRO B 268 1.81 -2.02 15.80
C PRO B 268 2.98 -2.98 15.54
N GLY C 19 -17.98 32.29 7.53
CA GLY C 19 -18.55 31.51 8.62
C GLY C 19 -17.50 30.68 9.33
N MSE C 20 -16.92 29.71 8.60
CA MSE C 20 -15.87 28.83 9.12
C MSE C 20 -14.55 29.56 9.29
O MSE C 20 -14.28 30.51 8.53
CB MSE C 20 -15.65 27.68 8.14
CG MSE C 20 -16.64 26.56 8.28
SE MSE C 20 -15.93 25.01 7.39
CE MSE C 20 -15.90 25.63 5.53
N ASN C 21 -13.75 29.13 10.29
CA ASN C 21 -12.43 29.68 10.58
CA ASN C 21 -12.44 29.69 10.60
C ASN C 21 -11.52 28.55 11.10
N LEU C 22 -11.43 27.46 10.30
CA LEU C 22 -10.64 26.26 10.61
C LEU C 22 -9.12 26.50 10.75
N VAL C 23 -8.59 27.60 10.20
CA VAL C 23 -7.15 27.90 10.27
C VAL C 23 -6.95 29.34 10.82
N GLN C 24 -7.80 29.75 11.77
CA GLN C 24 -7.77 31.09 12.38
C GLN C 24 -6.37 31.43 12.94
N ASP C 25 -5.81 32.57 12.47
CA ASP C 25 -4.51 33.17 12.87
C ASP C 25 -3.32 32.26 12.56
N LYS C 26 -3.48 31.25 11.67
CA LYS C 26 -2.39 30.35 11.32
CA LYS C 26 -2.39 30.35 11.32
C LYS C 26 -1.56 30.96 10.18
N VAL C 27 -0.25 31.19 10.45
CA VAL C 27 0.69 31.77 9.48
C VAL C 27 1.00 30.65 8.49
N THR C 28 0.57 30.85 7.24
CA THR C 28 0.63 29.84 6.20
C THR C 28 1.44 30.28 4.98
N ILE C 29 2.29 29.37 4.49
CA ILE C 29 3.03 29.56 3.24
C ILE C 29 2.49 28.52 2.27
N ILE C 30 2.13 28.96 1.05
CA ILE C 30 1.68 28.04 0.00
C ILE C 30 2.63 28.16 -1.20
N THR C 31 3.45 27.09 -1.48
CA THR C 31 4.32 27.11 -2.66
C THR C 31 3.40 26.84 -3.84
N GLY C 32 3.70 27.43 -5.00
CA GLY C 32 2.80 27.27 -6.15
C GLY C 32 1.41 27.80 -5.85
N GLY C 33 1.34 28.91 -5.11
CA GLY C 33 0.07 29.54 -4.73
C GLY C 33 -0.41 30.60 -5.69
N THR C 34 0.20 30.68 -6.89
CA THR C 34 -0.18 31.71 -7.87
C THR C 34 -1.28 31.25 -8.86
N ARG C 35 -1.46 29.92 -9.01
CA ARG C 35 -2.52 29.38 -9.88
CA ARG C 35 -2.37 29.27 -9.97
C ARG C 35 -2.95 27.99 -9.40
N GLY C 36 -3.97 27.44 -10.07
CA GLY C 36 -4.58 26.15 -9.80
C GLY C 36 -4.93 25.89 -8.34
N ILE C 37 -4.55 24.71 -7.84
CA ILE C 37 -4.86 24.24 -6.48
C ILE C 37 -4.32 25.22 -5.41
N GLY C 38 -3.05 25.62 -5.54
CA GLY C 38 -2.41 26.53 -4.59
C GLY C 38 -3.13 27.86 -4.46
N PHE C 39 -3.61 28.43 -5.59
CA PHE C 39 -4.33 29.70 -5.58
C PHE C 39 -5.71 29.51 -4.94
N ALA C 40 -6.40 28.39 -5.25
CA ALA C 40 -7.70 28.07 -4.66
C ALA C 40 -7.53 27.92 -3.13
N ALA C 41 -6.40 27.33 -2.69
CA ALA C 41 -6.05 27.17 -1.26
C ALA C 41 -5.78 28.54 -0.61
N ALA C 42 -5.10 29.47 -1.34
CA ALA C 42 -4.85 30.83 -0.83
C ALA C 42 -6.17 31.49 -0.43
N LYS C 43 -7.17 31.45 -1.31
CA LYS C 43 -8.51 32.01 -1.11
C LYS C 43 -9.24 31.35 0.07
N ILE C 44 -9.31 30.01 0.07
CA ILE C 44 -9.99 29.22 1.11
C ILE C 44 -9.30 29.43 2.48
N PHE C 45 -7.96 29.52 2.50
CA PHE C 45 -7.20 29.76 3.74
C PHE C 45 -7.47 31.19 4.26
N ILE C 46 -7.52 32.21 3.37
CA ILE C 46 -7.86 33.60 3.78
C ILE C 46 -9.31 33.60 4.34
N ASP C 47 -10.23 32.91 3.65
CA ASP C 47 -11.64 32.80 4.09
C ASP C 47 -11.77 32.22 5.50
N ASN C 48 -10.83 31.36 5.91
CA ASN C 48 -10.85 30.66 7.18
C ASN C 48 -9.91 31.25 8.25
N GLY C 49 -9.54 32.52 8.09
CA GLY C 49 -8.75 33.27 9.07
C GLY C 49 -7.24 33.15 9.08
N ALA C 50 -6.63 32.49 8.07
CA ALA C 50 -5.18 32.33 8.03
C ALA C 50 -4.49 33.59 7.54
N LYS C 51 -3.18 33.73 7.84
CA LYS C 51 -2.28 34.79 7.35
C LYS C 51 -1.50 34.11 6.26
N VAL C 52 -1.82 34.40 4.99
CA VAL C 52 -1.28 33.69 3.84
C VAL C 52 -0.18 34.43 3.10
N SER C 53 0.87 33.68 2.74
CA SER C 53 2.00 34.08 1.90
C SER C 53 2.10 33.04 0.79
N ILE C 54 2.34 33.48 -0.45
CA ILE C 54 2.43 32.56 -1.58
C ILE C 54 3.79 32.61 -2.26
N PHE C 55 4.20 31.49 -2.84
CA PHE C 55 5.39 31.41 -3.69
C PHE C 55 4.90 31.08 -5.09
N GLY C 56 5.61 31.56 -6.09
CA GLY C 56 5.33 31.27 -7.48
C GLY C 56 6.62 31.05 -8.22
N GLU C 57 6.56 30.45 -9.41
CA GLU C 57 7.78 30.19 -10.17
C GLU C 57 8.46 31.52 -10.63
N THR C 58 7.68 32.51 -11.12
CA THR C 58 8.22 33.79 -11.58
C THR C 58 7.62 34.96 -10.81
N GLN C 59 8.32 36.13 -10.81
CA GLN C 59 7.82 37.36 -10.17
C GLN C 59 6.52 37.85 -10.87
N GLU C 60 6.41 37.67 -12.21
CA GLU C 60 5.24 38.06 -13.00
C GLU C 60 3.99 37.31 -12.49
N GLU C 61 4.10 35.97 -12.27
CA GLU C 61 3.01 35.14 -11.75
CA GLU C 61 3.01 35.14 -11.76
C GLU C 61 2.60 35.60 -10.36
N VAL C 62 3.59 35.93 -9.51
CA VAL C 62 3.39 36.40 -8.14
C VAL C 62 2.61 37.74 -8.18
N ASP C 63 3.06 38.70 -9.02
CA ASP C 63 2.39 40.01 -9.15
C ASP C 63 0.93 39.86 -9.59
N THR C 64 0.69 38.98 -10.58
CA THR C 64 -0.67 38.70 -11.09
C THR C 64 -1.56 38.14 -9.97
N ALA C 65 -1.09 37.12 -9.23
CA ALA C 65 -1.85 36.49 -8.16
C ALA C 65 -2.12 37.47 -7.00
N LEU C 66 -1.12 38.30 -6.62
CA LEU C 66 -1.30 39.28 -5.55
C LEU C 66 -2.35 40.32 -5.91
N ALA C 67 -2.40 40.73 -7.20
CA ALA C 67 -3.38 41.70 -7.71
C ALA C 67 -4.79 41.08 -7.72
N GLN C 68 -4.90 39.78 -8.06
CA GLN C 68 -6.16 39.06 -8.08
C GLN C 68 -6.71 38.93 -6.65
N LEU C 69 -5.80 38.63 -5.69
CA LEU C 69 -6.16 38.50 -4.28
C LEU C 69 -6.49 39.85 -3.66
N LYS C 70 -5.86 40.92 -4.17
CA LYS C 70 -6.13 42.27 -3.68
C LYS C 70 -7.54 42.72 -4.10
N GLU C 71 -8.00 42.32 -5.29
CA GLU C 71 -9.35 42.63 -5.78
C GLU C 71 -10.41 41.89 -4.92
N LEU C 72 -10.15 40.61 -4.60
CA LEU C 72 -11.02 39.76 -3.79
C LEU C 72 -11.00 40.14 -2.32
N TYR C 73 -9.82 40.46 -1.78
CA TYR C 73 -9.63 40.81 -0.35
C TYR C 73 -8.85 42.13 -0.24
N PRO C 74 -9.54 43.29 -0.37
CA PRO C 74 -8.85 44.59 -0.37
C PRO C 74 -8.12 44.95 0.94
N GLU C 75 -8.57 44.42 2.09
CA GLU C 75 -7.98 44.73 3.39
C GLU C 75 -6.95 43.68 3.84
N GLU C 76 -6.75 42.63 3.04
CA GLU C 76 -5.84 41.55 3.39
C GLU C 76 -4.46 41.72 2.78
N GLU C 77 -3.43 41.60 3.64
CA GLU C 77 -2.05 41.65 3.22
C GLU C 77 -1.57 40.23 2.92
N VAL C 78 -1.07 40.01 1.71
CA VAL C 78 -0.55 38.73 1.25
C VAL C 78 0.85 38.99 0.72
N LEU C 79 1.86 38.30 1.29
CA LEU C 79 3.24 38.42 0.80
C LEU C 79 3.45 37.45 -0.35
N GLY C 80 4.29 37.83 -1.29
CA GLY C 80 4.60 37.00 -2.45
C GLY C 80 6.08 36.97 -2.74
N PHE C 81 6.59 35.77 -3.05
CA PHE C 81 8.02 35.53 -3.35
C PHE C 81 8.16 34.58 -4.51
N ALA C 82 9.28 34.63 -5.23
CA ALA C 82 9.52 33.69 -6.33
C ALA C 82 10.88 32.96 -6.14
N PRO C 83 11.16 32.28 -4.98
CA PRO C 83 12.47 31.61 -4.85
C PRO C 83 12.64 30.41 -5.76
N ASP C 84 13.90 30.16 -6.17
CA ASP C 84 14.26 28.94 -6.88
C ASP C 84 14.08 27.79 -5.85
N LEU C 85 13.06 26.93 -6.05
CA LEU C 85 12.75 25.85 -5.08
C LEU C 85 13.85 24.80 -4.96
N THR C 86 14.77 24.72 -5.95
CA THR C 86 15.90 23.78 -5.94
C THR C 86 17.04 24.32 -5.05
N SER C 87 17.00 25.62 -4.70
CA SER C 87 18.00 26.24 -3.84
C SER C 87 17.46 26.39 -2.44
N ARG C 88 18.02 25.65 -1.46
CA ARG C 88 17.54 25.74 -0.07
C ARG C 88 17.80 27.13 0.53
N ASP C 89 18.90 27.80 0.11
CA ASP C 89 19.19 29.17 0.59
C ASP C 89 18.13 30.16 0.10
N ALA C 90 17.68 30.02 -1.17
CA ALA C 90 16.66 30.90 -1.74
C ALA C 90 15.29 30.66 -1.04
N VAL C 91 14.95 29.38 -0.72
CA VAL C 91 13.72 29.04 -0.02
C VAL C 91 13.81 29.56 1.42
N MSE C 92 14.97 29.38 2.08
CA MSE C 92 15.20 29.83 3.47
C MSE C 92 15.05 31.36 3.59
O MSE C 92 14.42 31.83 4.54
CB MSE C 92 16.58 29.37 4.00
CG MSE C 92 16.76 29.54 5.53
SE MSE C 92 15.43 28.55 6.63
CE MSE C 92 14.31 30.01 7.04
N ALA C 93 15.58 32.11 2.60
CA ALA C 93 15.49 33.57 2.60
C ALA C 93 14.01 34.00 2.56
N ALA C 94 13.18 33.37 1.70
CA ALA C 94 11.75 33.68 1.57
C ALA C 94 10.96 33.22 2.82
N VAL C 95 11.16 31.97 3.30
CA VAL C 95 10.48 31.42 4.49
C VAL C 95 10.84 32.32 5.71
N GLY C 96 12.13 32.68 5.83
CA GLY C 96 12.63 33.54 6.90
C GLY C 96 11.94 34.90 6.98
N GLN C 97 11.64 35.53 5.82
CA GLN C 97 10.95 36.83 5.76
C GLN C 97 9.51 36.72 6.29
N VAL C 98 8.80 35.63 5.95
CA VAL C 98 7.43 35.38 6.44
C VAL C 98 7.47 35.20 7.98
N ALA C 99 8.37 34.33 8.48
CA ALA C 99 8.54 34.03 9.91
C ALA C 99 8.92 35.30 10.67
N GLN C 100 9.74 36.18 10.06
CA GLN C 100 10.15 37.44 10.66
C GLN C 100 9.01 38.42 10.76
N LYS C 101 8.18 38.51 9.71
CA LYS C 101 7.03 39.42 9.69
C LYS C 101 5.95 39.04 10.72
N TYR C 102 5.64 37.74 10.84
CA TYR C 102 4.57 37.31 11.74
C TYR C 102 5.05 36.73 13.07
N GLY C 103 6.35 36.47 13.21
CA GLY C 103 6.92 35.95 14.46
C GLY C 103 6.86 34.45 14.63
N ARG C 104 6.27 33.74 13.64
CA ARG C 104 6.10 32.28 13.65
C ARG C 104 5.71 31.78 12.26
N LEU C 105 5.69 30.44 12.10
CA LEU C 105 5.23 29.75 10.90
C LEU C 105 4.41 28.56 11.37
N ASP C 106 3.11 28.56 11.06
CA ASP C 106 2.21 27.50 11.53
C ASP C 106 1.98 26.40 10.49
N VAL C 107 1.87 26.77 9.20
CA VAL C 107 1.55 25.82 8.12
C VAL C 107 2.47 26.05 6.91
N MSE C 108 3.01 24.95 6.35
CA MSE C 108 3.80 24.96 5.11
C MSE C 108 3.15 24.02 4.12
O MSE C 108 2.98 22.83 4.42
CB MSE C 108 5.26 24.52 5.37
CG MSE C 108 6.14 24.47 4.08
SE MSE C 108 6.38 26.30 3.35
CE MSE C 108 7.91 26.09 2.25
N ILE C 109 2.78 24.54 2.94
CA ILE C 109 2.17 23.68 1.93
C ILE C 109 3.12 23.62 0.74
N ASN C 110 3.77 22.47 0.54
CA ASN C 110 4.67 22.22 -0.59
C ASN C 110 3.82 21.69 -1.75
N ASN C 111 3.07 22.62 -2.38
CA ASN C 111 2.10 22.36 -3.43
C ASN C 111 2.69 22.52 -4.84
N ALA C 112 3.72 23.38 -5.04
CA ALA C 112 4.34 23.55 -6.36
C ALA C 112 4.79 22.20 -6.94
N GLY C 113 4.47 21.99 -8.21
CA GLY C 113 4.85 20.76 -8.89
C GLY C 113 4.58 20.81 -10.36
N ILE C 114 5.10 19.80 -11.07
CA ILE C 114 4.94 19.65 -12.52
C ILE C 114 4.63 18.19 -12.83
N THR C 115 4.23 17.94 -14.08
CA THR C 115 3.90 16.61 -14.55
C THR C 115 4.79 16.21 -15.76
N SER C 116 4.59 14.97 -16.24
CA SER C 116 5.29 14.40 -17.40
C SER C 116 4.41 13.37 -18.05
N ASN C 117 4.48 13.25 -19.39
CA ASN C 117 3.70 12.25 -20.11
C ASN C 117 4.51 11.64 -21.26
N ASN C 118 5.81 12.00 -21.40
CA ASN C 118 6.65 11.47 -22.48
C ASN C 118 6.84 9.96 -22.39
N VAL C 119 6.84 9.29 -23.55
CA VAL C 119 7.12 7.86 -23.65
C VAL C 119 8.58 7.69 -23.20
N PHE C 120 8.87 6.59 -22.49
CA PHE C 120 10.17 6.30 -21.87
C PHE C 120 11.38 6.59 -22.78
N SER C 121 11.35 6.15 -24.03
CA SER C 121 12.44 6.35 -24.99
C SER C 121 12.76 7.84 -25.19
N ARG C 122 11.72 8.70 -25.11
CA ARG C 122 11.79 10.15 -25.34
C ARG C 122 11.98 10.95 -24.05
N VAL C 123 12.16 10.26 -22.90
CA VAL C 123 12.41 11.00 -21.65
C VAL C 123 13.91 11.30 -21.62
N SER C 124 14.27 12.57 -21.80
CA SER C 124 15.68 13.00 -21.78
C SER C 124 16.20 13.03 -20.34
N GLU C 125 17.54 13.07 -20.20
CA GLU C 125 18.23 13.21 -18.90
C GLU C 125 17.78 14.48 -18.20
N GLU C 126 17.69 15.56 -18.98
CA GLU C 126 17.29 16.91 -18.56
C GLU C 126 15.85 16.92 -18.03
N GLU C 127 14.92 16.28 -18.76
CA GLU C 127 13.52 16.22 -18.31
C GLU C 127 13.39 15.45 -17.00
N PHE C 128 14.06 14.27 -16.89
CA PHE C 128 13.98 13.46 -15.67
C PHE C 128 14.58 14.23 -14.48
N LYS C 129 15.75 14.85 -14.67
CA LYS C 129 16.42 15.66 -13.63
C LYS C 129 15.52 16.80 -13.13
N HIS C 130 14.87 17.52 -14.06
CA HIS C 130 14.04 18.68 -13.73
C HIS C 130 12.79 18.29 -12.90
N ILE C 131 12.04 17.23 -13.28
CA ILE C 131 10.86 16.81 -12.52
C ILE C 131 11.30 16.28 -11.14
N MSE C 132 12.44 15.56 -11.07
CA MSE C 132 12.97 15.09 -9.77
C MSE C 132 13.35 16.29 -8.89
O MSE C 132 13.07 16.29 -7.70
CB MSE C 132 14.18 14.16 -9.96
CG MSE C 132 13.81 12.76 -10.54
SE MSE C 132 12.40 11.71 -9.65
CE MSE C 132 13.18 11.53 -7.95
N ASP C 133 13.96 17.33 -9.51
CA ASP C 133 14.37 18.57 -8.80
C ASP C 133 13.19 19.35 -8.23
N ILE C 134 12.21 19.70 -9.07
CA ILE C 134 11.06 20.48 -8.62
C ILE C 134 10.17 19.67 -7.67
N ASN C 135 9.73 18.46 -8.09
CA ASN C 135 8.77 17.70 -7.30
C ASN C 135 9.33 17.09 -6.03
N VAL C 136 10.63 16.78 -5.96
CA VAL C 136 11.17 16.14 -4.75
C VAL C 136 12.10 17.09 -4.00
N THR C 137 13.16 17.61 -4.65
CA THR C 137 14.10 18.52 -3.96
C THR C 137 13.37 19.80 -3.51
N GLY C 138 12.42 20.27 -4.31
CA GLY C 138 11.59 21.43 -3.94
C GLY C 138 10.78 21.20 -2.68
N VAL C 139 10.22 19.99 -2.53
CA VAL C 139 9.42 19.58 -1.36
C VAL C 139 10.35 19.43 -0.14
N PHE C 140 11.52 18.77 -0.33
CA PHE C 140 12.52 18.59 0.73
C PHE C 140 12.98 19.96 1.25
N ASN C 141 13.30 20.89 0.33
CA ASN C 141 13.78 22.25 0.71
C ASN C 141 12.72 23.03 1.49
N GLY C 142 11.47 23.00 1.02
CA GLY C 142 10.36 23.67 1.71
C GLY C 142 10.09 23.10 3.08
N ALA C 143 10.08 21.75 3.20
CA ALA C 143 9.86 21.06 4.47
C ALA C 143 11.01 21.33 5.45
N TRP C 144 12.27 21.34 4.94
CA TRP C 144 13.45 21.59 5.79
C TRP C 144 13.42 23.01 6.34
N CYS C 145 13.14 24.01 5.46
CA CYS C 145 13.10 25.43 5.87
C CYS C 145 11.95 25.69 6.86
N ALA C 146 10.75 25.09 6.62
CA ALA C 146 9.59 25.18 7.53
C ALA C 146 9.95 24.61 8.91
N TYR C 147 10.53 23.38 8.93
CA TYR C 147 10.97 22.69 10.15
C TYR C 147 11.89 23.58 11.00
N GLN C 148 12.87 24.26 10.35
CA GLN C 148 13.80 25.15 11.07
C GLN C 148 13.07 26.30 11.78
N CYS C 149 11.97 26.81 11.18
CA CYS C 149 11.16 27.89 11.76
C CYS C 149 10.08 27.36 12.73
N MSE C 150 9.81 26.05 12.73
CA MSE C 150 8.77 25.42 13.58
C MSE C 150 9.30 24.67 14.80
O MSE C 150 8.57 24.54 15.78
CB MSE C 150 7.95 24.40 12.77
CG MSE C 150 7.09 25.00 11.65
SE MSE C 150 6.39 23.58 10.54
CE MSE C 150 5.21 24.68 9.44
N LYS C 151 10.51 24.08 14.69
CA LYS C 151 11.09 23.18 15.71
C LYS C 151 11.16 23.77 17.13
N ASP C 152 11.49 25.06 17.28
CA ASP C 152 11.59 25.66 18.63
C ASP C 152 10.21 25.96 19.21
N ALA C 153 9.21 26.20 18.35
CA ALA C 153 7.82 26.45 18.75
C ALA C 153 7.12 25.15 19.13
N LYS C 154 7.69 24.00 18.69
CA LYS C 154 7.19 22.62 18.91
C LYS C 154 5.71 22.52 18.51
N LYS C 155 5.43 23.00 17.28
CA LYS C 155 4.10 23.13 16.70
C LYS C 155 4.24 23.40 15.21
N GLY C 156 3.32 22.86 14.42
CA GLY C 156 3.33 23.11 12.98
C GLY C 156 2.77 21.96 12.17
N VAL C 157 2.46 22.23 10.90
CA VAL C 157 1.93 21.25 9.94
C VAL C 157 2.62 21.47 8.61
N ILE C 158 3.15 20.41 8.01
CA ILE C 158 3.77 20.43 6.69
C ILE C 158 2.92 19.54 5.78
N ILE C 159 2.39 20.12 4.69
CA ILE C 159 1.54 19.42 3.73
C ILE C 159 2.32 19.28 2.41
N ASN C 160 2.48 18.03 1.91
CA ASN C 160 3.23 17.76 0.68
C ASN C 160 2.30 17.20 -0.37
N THR C 161 2.27 17.80 -1.55
CA THR C 161 1.38 17.33 -2.62
C THR C 161 2.07 16.26 -3.45
N ALA C 162 1.52 15.05 -3.37
CA ALA C 162 1.96 13.91 -4.16
C ALA C 162 1.03 13.81 -5.39
N SER C 163 0.61 12.59 -5.74
CA SER C 163 -0.34 12.32 -6.83
C SER C 163 -0.80 10.89 -6.74
N VAL C 164 -1.94 10.61 -7.39
CA VAL C 164 -2.50 9.27 -7.56
C VAL C 164 -1.42 8.35 -8.25
N THR C 165 -0.59 8.92 -9.17
CA THR C 165 0.47 8.17 -9.87
C THR C 165 1.56 7.67 -8.92
N GLY C 166 1.73 8.31 -7.77
CA GLY C 166 2.69 7.89 -6.74
C GLY C 166 2.29 6.58 -6.08
N ILE C 167 0.99 6.20 -6.23
CA ILE C 167 0.43 4.96 -5.67
C ILE C 167 0.14 3.93 -6.77
N PHE C 168 -0.48 4.36 -7.87
CA PHE C 168 -0.95 3.46 -8.93
C PHE C 168 -0.11 3.50 -10.23
N GLY C 169 0.98 4.23 -10.21
CA GLY C 169 1.86 4.34 -11.38
C GLY C 169 1.21 5.12 -12.50
N SER C 170 1.74 5.00 -13.71
CA SER C 170 1.24 5.67 -14.91
C SER C 170 1.62 4.83 -16.13
N LEU C 171 1.06 5.16 -17.29
CA LEU C 171 1.37 4.45 -18.52
C LEU C 171 2.49 5.13 -19.32
N SER C 172 2.89 6.36 -18.92
CA SER C 172 3.96 7.13 -19.57
C SER C 172 4.45 8.25 -18.60
N GLY C 173 5.51 8.96 -18.99
CA GLY C 173 6.12 10.04 -18.20
C GLY C 173 6.61 9.55 -16.86
N VAL C 174 7.47 8.50 -16.86
CA VAL C 174 7.99 7.78 -15.69
C VAL C 174 8.49 8.71 -14.55
N GLY C 175 8.98 9.91 -14.87
CA GLY C 175 9.44 10.87 -13.87
C GLY C 175 8.33 11.35 -12.93
N TYR C 176 7.08 11.36 -13.41
CA TYR C 176 5.90 11.75 -12.66
C TYR C 176 5.58 10.70 -11.55
N PRO C 177 5.30 9.39 -11.80
CA PRO C 177 5.13 8.47 -10.65
C PRO C 177 6.37 8.32 -9.78
N ALA C 178 7.59 8.35 -10.38
CA ALA C 178 8.84 8.25 -9.62
C ALA C 178 8.98 9.41 -8.61
N SER C 179 8.75 10.65 -9.07
CA SER C 179 8.86 11.82 -8.18
C SER C 179 7.72 11.88 -7.15
N LYS C 180 6.48 11.54 -7.56
CA LYS C 180 5.33 11.63 -6.63
C LYS C 180 5.34 10.48 -5.60
N ALA C 181 5.89 9.29 -5.95
CA ALA C 181 6.05 8.20 -4.97
C ALA C 181 7.12 8.59 -3.95
N SER C 182 8.18 9.31 -4.40
CA SER C 182 9.24 9.82 -3.54
C SER C 182 8.64 10.78 -2.49
N VAL C 183 7.71 11.66 -2.91
CA VAL C 183 7.01 12.62 -2.03
C VAL C 183 6.24 11.84 -0.91
N ILE C 184 5.59 10.72 -1.27
CA ILE C 184 4.87 9.89 -0.31
C ILE C 184 5.88 9.27 0.69
N GLY C 185 7.01 8.79 0.17
CA GLY C 185 8.09 8.20 0.98
C GLY C 185 8.73 9.20 1.93
N LEU C 186 8.97 10.44 1.43
CA LEU C 186 9.52 11.56 2.20
C LEU C 186 8.53 11.92 3.33
N THR C 187 7.24 12.04 3.00
CA THR C 187 6.15 12.33 3.97
C THR C 187 6.11 11.26 5.08
N HIS C 188 6.16 9.97 4.71
CA HIS C 188 6.12 8.86 5.66
C HIS C 188 7.31 8.91 6.63
N GLY C 189 8.53 8.95 6.09
CA GLY C 189 9.75 9.02 6.90
C GLY C 189 9.87 10.28 7.73
N LEU C 190 9.63 11.46 7.13
CA LEU C 190 9.71 12.74 7.85
C LEU C 190 8.67 12.81 8.98
N GLY C 191 7.44 12.39 8.68
CA GLY C 191 6.35 12.35 9.67
C GLY C 191 6.69 11.53 10.89
N ARG C 192 7.29 10.33 10.66
CA ARG C 192 7.70 9.43 11.75
C ARG C 192 8.83 10.05 12.57
N GLU C 193 9.77 10.73 11.89
CA GLU C 193 10.93 11.36 12.53
C GLU C 193 10.57 12.57 13.40
N ILE C 194 9.76 13.51 12.91
CA ILE C 194 9.57 14.77 13.64
C ILE C 194 8.24 14.88 14.46
N ILE C 195 7.45 13.81 14.56
CA ILE C 195 6.19 13.83 15.35
C ILE C 195 6.51 14.13 16.84
N ARG C 196 7.70 13.76 17.35
CA ARG C 196 8.08 14.02 18.75
CA ARG C 196 8.12 14.01 18.74
C ARG C 196 8.28 15.54 19.00
N LYS C 197 8.38 16.35 17.94
CA LYS C 197 8.49 17.81 18.06
C LYS C 197 7.12 18.47 17.84
N ASN C 198 6.04 17.63 17.82
CA ASN C 198 4.63 18.02 17.65
CA ASN C 198 4.63 17.99 17.64
C ASN C 198 4.40 18.70 16.30
N ILE C 199 5.18 18.30 15.27
CA ILE C 199 5.04 18.82 13.91
C ILE C 199 4.43 17.69 13.07
N ARG C 200 3.25 17.91 12.47
CA ARG C 200 2.61 16.90 11.63
C ARG C 200 3.07 17.07 10.18
N VAL C 201 3.25 15.94 9.46
CA VAL C 201 3.66 15.88 8.04
C VAL C 201 2.64 15.01 7.34
N VAL C 202 1.87 15.59 6.41
CA VAL C 202 0.80 14.85 5.71
CA VAL C 202 0.82 14.85 5.71
C VAL C 202 0.89 15.07 4.19
N GLY C 203 0.57 14.04 3.43
CA GLY C 203 0.56 14.11 1.98
C GLY C 203 -0.86 14.19 1.46
N VAL C 204 -1.00 14.71 0.24
CA VAL C 204 -2.27 14.79 -0.48
C VAL C 204 -1.97 14.26 -1.89
N ALA C 205 -2.69 13.21 -2.32
CA ALA C 205 -2.48 12.62 -3.63
C ALA C 205 -3.72 12.89 -4.51
N PRO C 206 -3.73 14.01 -5.28
CA PRO C 206 -4.88 14.27 -6.17
C PRO C 206 -4.97 13.34 -7.39
N GLY C 207 -6.17 13.15 -7.94
CA GLY C 207 -6.42 12.36 -9.16
C GLY C 207 -6.16 13.21 -10.39
N VAL C 208 -7.24 13.67 -11.08
CA VAL C 208 -7.16 14.56 -12.24
CA VAL C 208 -7.18 14.58 -12.25
C VAL C 208 -7.91 15.84 -11.84
N VAL C 209 -7.21 16.99 -11.86
CA VAL C 209 -7.77 18.26 -11.40
C VAL C 209 -7.81 19.30 -12.54
N ASN C 210 -8.93 20.01 -12.63
CA ASN C 210 -9.13 21.04 -13.65
C ASN C 210 -8.28 22.31 -13.37
N THR C 211 -7.03 22.36 -13.84
CA THR C 211 -6.08 23.48 -13.66
C THR C 211 -5.35 23.72 -15.00
N ASP C 212 -4.36 24.63 -15.02
CA ASP C 212 -3.55 24.86 -16.22
C ASP C 212 -2.74 23.61 -16.61
N MSE C 213 -2.47 22.71 -15.64
CA MSE C 213 -1.75 21.46 -15.85
C MSE C 213 -2.48 20.49 -16.81
O MSE C 213 -1.81 19.76 -17.54
CB MSE C 213 -1.51 20.77 -14.51
CG MSE C 213 -0.49 19.64 -14.57
SE MSE C 213 -0.01 18.96 -12.82
CE MSE C 213 1.25 20.33 -12.38
N THR C 214 -3.83 20.50 -16.80
CA THR C 214 -4.60 19.53 -17.58
C THR C 214 -5.40 20.11 -18.77
N ASN C 215 -5.46 21.45 -18.96
CA ASN C 215 -6.23 21.97 -20.10
C ASN C 215 -5.33 22.31 -21.30
N GLY C 216 -5.82 22.00 -22.49
CA GLY C 216 -5.12 22.24 -23.76
C GLY C 216 -5.71 21.52 -24.95
N ASN C 217 -6.25 20.29 -24.72
CA ASN C 217 -6.84 19.43 -25.74
C ASN C 217 -8.17 19.95 -26.31
N PRO C 218 -8.50 19.63 -27.59
CA PRO C 218 -9.80 20.08 -28.15
C PRO C 218 -11.00 19.42 -27.45
N PRO C 219 -12.22 20.04 -27.50
CA PRO C 219 -13.37 19.45 -26.79
C PRO C 219 -13.78 18.04 -27.23
N GLU C 220 -13.59 17.69 -28.52
CA GLU C 220 -13.93 16.39 -29.10
C GLU C 220 -13.13 15.28 -28.42
N ILE C 221 -11.83 15.54 -28.16
CA ILE C 221 -10.91 14.62 -27.51
C ILE C 221 -11.28 14.54 -26.01
N MSE C 222 -11.57 15.70 -25.38
CA MSE C 222 -11.90 15.82 -23.95
C MSE C 222 -13.27 15.23 -23.57
O MSE C 222 -13.43 14.77 -22.44
CB MSE C 222 -11.81 17.27 -23.50
CG MSE C 222 -10.38 17.78 -23.39
SE MSE C 222 -9.22 16.62 -22.29
CE MSE C 222 -10.11 16.93 -20.54
N GLU C 223 -14.26 15.23 -24.50
CA GLU C 223 -15.62 14.69 -24.27
C GLU C 223 -15.58 13.20 -23.89
N GLY C 224 -14.80 12.42 -24.67
CA GLY C 224 -14.61 11.00 -24.46
C GLY C 224 -13.77 10.71 -23.22
N TYR C 225 -12.80 11.60 -22.92
CA TYR C 225 -11.93 11.48 -21.77
C TYR C 225 -12.72 11.67 -20.47
N LEU C 226 -13.57 12.71 -20.41
CA LEU C 226 -14.40 13.01 -19.22
C LEU C 226 -15.39 11.89 -18.95
N LYS C 227 -16.04 11.32 -20.00
CA LYS C 227 -17.02 10.22 -19.89
C LYS C 227 -16.39 8.94 -19.30
N ALA C 228 -15.09 8.72 -19.55
CA ALA C 228 -14.36 7.55 -19.05
C ALA C 228 -13.87 7.76 -17.59
N LEU C 229 -14.01 8.98 -17.04
CA LEU C 229 -13.63 9.24 -15.65
C LEU C 229 -14.71 8.67 -14.73
N PRO C 230 -14.37 7.93 -13.65
CA PRO C 230 -15.42 7.38 -12.78
C PRO C 230 -16.48 8.40 -12.33
N MSE C 231 -16.08 9.65 -11.98
CA MSE C 231 -17.02 10.72 -11.60
C MSE C 231 -17.58 11.47 -12.80
O MSE C 231 -18.41 12.36 -12.61
CB MSE C 231 -16.37 11.73 -10.65
CG MSE C 231 -16.27 11.24 -9.21
SE MSE C 231 -15.29 12.51 -8.17
CE MSE C 231 -16.73 13.80 -7.86
N LYS C 232 -17.15 11.11 -14.03
CA LYS C 232 -17.60 11.71 -15.31
C LYS C 232 -17.16 13.19 -15.45
N ARG C 233 -16.24 13.62 -14.57
CA ARG C 233 -15.69 14.97 -14.53
C ARG C 233 -14.36 14.95 -13.81
N MSE C 234 -13.55 15.99 -14.05
CA MSE C 234 -12.32 16.17 -13.29
C MSE C 234 -12.68 16.80 -11.93
O MSE C 234 -13.77 17.36 -11.79
CB MSE C 234 -11.36 17.09 -14.04
CG MSE C 234 -10.65 16.44 -15.22
SE MSE C 234 -9.46 17.81 -16.01
CE MSE C 234 -10.78 18.89 -16.94
N LEU C 235 -11.77 16.73 -10.95
CA LEU C 235 -12.02 17.42 -9.70
C LEU C 235 -11.72 18.91 -9.90
N GLU C 236 -12.34 19.78 -9.11
CA GLU C 236 -12.07 21.22 -9.18
C GLU C 236 -10.94 21.54 -8.19
N PRO C 237 -10.10 22.59 -8.44
CA PRO C 237 -9.00 22.87 -7.50
C PRO C 237 -9.45 23.09 -6.06
N GLU C 238 -10.70 23.61 -5.85
CA GLU C 238 -11.30 23.81 -4.52
C GLU C 238 -11.44 22.49 -3.75
N GLU C 239 -11.72 21.38 -4.47
CA GLU C 239 -11.89 20.05 -3.87
C GLU C 239 -10.57 19.51 -3.29
N ILE C 240 -9.42 19.96 -3.83
CA ILE C 240 -8.12 19.59 -3.28
C ILE C 240 -7.78 20.56 -2.13
N ALA C 241 -7.99 21.87 -2.37
CA ALA C 241 -7.72 22.94 -1.40
C ALA C 241 -8.51 22.72 -0.09
N ASN C 242 -9.76 22.19 -0.18
CA ASN C 242 -10.57 21.89 1.00
C ASN C 242 -9.93 20.79 1.87
N VAL C 243 -9.14 19.90 1.25
CA VAL C 243 -8.43 18.82 1.96
C VAL C 243 -7.18 19.44 2.62
N TYR C 244 -6.49 20.39 1.94
CA TYR C 244 -5.36 21.14 2.55
C TYR C 244 -5.87 21.83 3.85
N LEU C 245 -7.04 22.47 3.76
CA LEU C 245 -7.70 23.19 4.87
C LEU C 245 -7.95 22.27 6.08
N PHE C 246 -8.60 21.12 5.85
CA PHE C 246 -8.85 20.15 6.92
C PHE C 246 -7.54 19.68 7.55
N LEU C 247 -6.55 19.30 6.72
CA LEU C 247 -5.28 18.74 7.19
C LEU C 247 -4.45 19.74 8.00
N ALA C 248 -4.53 21.04 7.64
CA ALA C 248 -3.87 22.12 8.37
C ALA C 248 -4.61 22.48 9.69
N SER C 249 -5.93 22.18 9.78
CA SER C 249 -6.74 22.48 10.98
C SER C 249 -6.44 21.51 12.14
N ASP C 250 -6.85 21.89 13.37
CA ASP C 250 -6.68 21.07 14.57
C ASP C 250 -7.64 19.86 14.57
N LEU C 251 -8.58 19.79 13.59
CA LEU C 251 -9.47 18.64 13.41
C LEU C 251 -8.65 17.40 12.98
N ALA C 252 -7.53 17.63 12.26
CA ALA C 252 -6.64 16.57 11.78
C ALA C 252 -5.47 16.32 12.76
N SER C 253 -5.63 16.63 14.06
CA SER C 253 -4.55 16.46 15.05
C SER C 253 -4.00 15.01 15.16
N GLY C 254 -4.78 14.01 14.75
CA GLY C 254 -4.34 12.61 14.78
C GLY C 254 -3.72 12.11 13.48
N ILE C 255 -3.69 12.96 12.43
CA ILE C 255 -3.19 12.55 11.10
C ILE C 255 -1.77 13.04 10.82
N THR C 256 -0.83 12.09 10.65
CA THR C 256 0.57 12.39 10.32
C THR C 256 1.22 11.17 9.70
N ALA C 257 2.38 11.35 9.00
CA ALA C 257 3.20 10.30 8.37
C ALA C 257 2.36 9.41 7.45
N THR C 258 1.49 10.05 6.65
CA THR C 258 0.59 9.36 5.72
C THR C 258 0.20 10.32 4.59
N THR C 259 -0.35 9.77 3.50
CA THR C 259 -0.82 10.53 2.33
C THR C 259 -2.31 10.22 2.12
N VAL C 260 -3.13 11.26 2.03
CA VAL C 260 -4.58 11.16 1.80
C VAL C 260 -4.88 11.25 0.30
N SER C 261 -5.52 10.20 -0.26
CA SER C 261 -5.91 10.16 -1.68
C SER C 261 -7.18 10.99 -1.90
N VAL C 262 -7.12 11.94 -2.85
CA VAL C 262 -8.25 12.81 -3.23
C VAL C 262 -8.36 12.68 -4.75
N ASP C 263 -8.84 11.51 -5.19
CA ASP C 263 -8.83 11.22 -6.62
C ASP C 263 -10.18 10.85 -7.23
N GLY C 264 -11.26 10.85 -6.44
CA GLY C 264 -12.59 10.47 -6.91
C GLY C 264 -12.65 9.13 -7.63
N ALA C 265 -11.82 8.16 -7.15
CA ALA C 265 -11.66 6.79 -7.65
C ALA C 265 -10.97 6.73 -9.04
N TYR C 266 -10.42 7.86 -9.49
CA TYR C 266 -9.69 7.87 -10.78
C TYR C 266 -8.44 6.97 -10.66
N ARG C 267 -8.19 6.13 -11.67
CA ARG C 267 -7.01 5.27 -11.71
C ARG C 267 -6.25 5.54 -13.03
N PRO C 268 -4.97 5.96 -12.96
CA PRO C 268 -4.23 6.22 -14.20
C PRO C 268 -3.89 4.92 -14.94
N MSE D 20 21.17 -26.92 -11.26
CA MSE D 20 20.30 -25.75 -11.31
C MSE D 20 20.94 -24.66 -12.17
O MSE D 20 22.07 -24.22 -11.88
CB MSE D 20 19.99 -25.22 -9.89
CG MSE D 20 18.58 -24.62 -9.75
SE MSE D 20 18.31 -23.51 -8.15
CE MSE D 20 18.81 -24.81 -6.74
N ASN D 21 20.21 -24.23 -13.23
CA ASN D 21 20.65 -23.21 -14.16
CA ASN D 21 20.64 -23.22 -14.17
C ASN D 21 19.45 -22.31 -14.53
N LEU D 22 18.90 -21.61 -13.51
CA LEU D 22 17.74 -20.71 -13.62
C LEU D 22 17.93 -19.56 -14.61
N VAL D 23 19.18 -19.16 -14.91
CA VAL D 23 19.44 -18.05 -15.83
C VAL D 23 20.46 -18.48 -16.90
N GLN D 24 20.33 -19.74 -17.39
CA GLN D 24 21.23 -20.28 -18.41
C GLN D 24 21.28 -19.40 -19.65
N ASP D 25 22.51 -18.99 -20.04
CA ASP D 25 22.85 -18.17 -21.21
C ASP D 25 22.24 -16.75 -21.17
N LYS D 26 21.80 -16.25 -19.99
CA LYS D 26 21.23 -14.91 -19.87
CA LYS D 26 21.22 -14.91 -19.88
C LYS D 26 22.34 -13.87 -19.67
N VAL D 27 22.46 -12.91 -20.62
CA VAL D 27 23.47 -11.85 -20.59
C VAL D 27 23.01 -10.88 -19.54
N THR D 28 23.77 -10.82 -18.43
CA THR D 28 23.40 -10.05 -17.23
C THR D 28 24.39 -8.96 -16.86
N ILE D 29 23.86 -7.78 -16.52
CA ILE D 29 24.64 -6.67 -15.99
C ILE D 29 24.18 -6.46 -14.54
N ILE D 30 25.14 -6.39 -13.60
CA ILE D 30 24.84 -6.12 -12.20
C ILE D 30 25.56 -4.81 -11.79
N THR D 31 24.79 -3.72 -11.54
CA THR D 31 25.41 -2.47 -11.05
C THR D 31 25.70 -2.71 -9.58
N GLY D 32 26.77 -2.14 -9.06
CA GLY D 32 27.20 -2.38 -7.69
C GLY D 32 27.50 -3.85 -7.43
N GLY D 33 28.09 -4.52 -8.43
CA GLY D 33 28.40 -5.94 -8.37
C GLY D 33 29.78 -6.24 -7.83
N THR D 34 30.46 -5.25 -7.23
CA THR D 34 31.83 -5.44 -6.73
C THR D 34 31.87 -5.91 -5.27
N ARG D 35 30.77 -5.72 -4.52
CA ARG D 35 30.68 -6.18 -3.13
C ARG D 35 29.22 -6.35 -2.71
N GLY D 36 29.03 -6.93 -1.52
CA GLY D 36 27.74 -7.12 -0.88
C GLY D 36 26.79 -7.96 -1.70
N ILE D 37 25.51 -7.50 -1.78
CA ILE D 37 24.43 -8.18 -2.49
C ILE D 37 24.79 -8.40 -3.97
N GLY D 38 25.26 -7.34 -4.65
CA GLY D 38 25.64 -7.39 -6.05
C GLY D 38 26.70 -8.42 -6.36
N PHE D 39 27.71 -8.53 -5.51
CA PHE D 39 28.79 -9.52 -5.67
C PHE D 39 28.26 -10.93 -5.40
N ALA D 40 27.41 -11.12 -4.36
CA ALA D 40 26.79 -12.41 -4.09
C ALA D 40 25.92 -12.84 -5.29
N ALA D 41 25.25 -11.87 -5.95
CA ALA D 41 24.43 -12.12 -7.15
C ALA D 41 25.32 -12.50 -8.34
N ALA D 42 26.50 -11.86 -8.49
CA ALA D 42 27.46 -12.20 -9.55
C ALA D 42 27.80 -13.69 -9.50
N LYS D 43 28.15 -14.19 -8.29
CA LYS D 43 28.50 -15.59 -8.04
C LYS D 43 27.33 -16.54 -8.33
N ILE D 44 26.13 -16.25 -7.76
CA ILE D 44 24.93 -17.07 -7.90
C ILE D 44 24.48 -17.08 -9.39
N PHE D 45 24.60 -15.93 -10.10
CA PHE D 45 24.24 -15.86 -11.51
C PHE D 45 25.23 -16.68 -12.37
N ILE D 46 26.55 -16.62 -12.07
CA ILE D 46 27.56 -17.45 -12.78
C ILE D 46 27.26 -18.93 -12.52
N ASP D 47 26.94 -19.30 -11.26
CA ASP D 47 26.58 -20.67 -10.87
C ASP D 47 25.36 -21.19 -11.64
N ASN D 48 24.45 -20.27 -12.08
CA ASN D 48 23.21 -20.65 -12.77
C ASN D 48 23.26 -20.41 -14.29
N GLY D 49 24.47 -20.39 -14.85
CA GLY D 49 24.71 -20.31 -16.29
C GLY D 49 24.63 -18.97 -16.99
N ALA D 50 24.55 -17.86 -16.23
CA ALA D 50 24.47 -16.54 -16.84
C ALA D 50 25.85 -16.06 -17.31
N LYS D 51 25.86 -15.07 -18.22
CA LYS D 51 27.06 -14.38 -18.72
C LYS D 51 27.02 -13.04 -18.00
N VAL D 52 27.88 -12.89 -16.97
CA VAL D 52 27.82 -11.76 -16.04
C VAL D 52 28.87 -10.67 -16.33
N SER D 53 28.40 -9.41 -16.25
CA SER D 53 29.19 -8.19 -16.30
C SER D 53 28.84 -7.37 -15.06
N ILE D 54 29.83 -6.76 -14.41
CA ILE D 54 29.57 -5.99 -13.20
C ILE D 54 30.00 -4.53 -13.36
N PHE D 55 29.31 -3.63 -12.64
CA PHE D 55 29.71 -2.23 -12.53
C PHE D 55 30.10 -1.99 -11.07
N GLY D 56 31.04 -1.07 -10.86
CA GLY D 56 31.49 -0.65 -9.54
C GLY D 56 31.68 0.86 -9.53
N GLU D 57 31.79 1.47 -8.34
CA GLU D 57 31.99 2.93 -8.26
C GLU D 57 33.35 3.36 -8.82
N THR D 58 34.43 2.63 -8.46
CA THR D 58 35.80 2.93 -8.90
C THR D 58 36.41 1.75 -9.67
N GLN D 59 37.45 2.04 -10.49
CA GLN D 59 38.19 1.01 -11.24
C GLN D 59 38.88 0.02 -10.29
N GLU D 60 39.38 0.53 -9.13
CA GLU D 60 40.04 -0.28 -8.11
CA GLU D 60 40.04 -0.28 -8.11
C GLU D 60 39.09 -1.37 -7.58
N GLU D 61 37.82 -1.00 -7.26
CA GLU D 61 36.81 -1.93 -6.76
C GLU D 61 36.50 -3.00 -7.82
N VAL D 62 36.42 -2.57 -9.09
CA VAL D 62 36.16 -3.44 -10.24
C VAL D 62 37.32 -4.45 -10.39
N ASP D 63 38.58 -3.98 -10.35
CA ASP D 63 39.76 -4.85 -10.46
C ASP D 63 39.78 -5.90 -9.34
N THR D 64 39.51 -5.48 -8.10
CA THR D 64 39.47 -6.36 -6.93
C THR D 64 38.41 -7.46 -7.12
N ALA D 65 37.18 -7.09 -7.51
CA ALA D 65 36.08 -8.03 -7.69
C ALA D 65 36.35 -9.00 -8.85
N LEU D 66 36.90 -8.50 -9.98
CA LEU D 66 37.22 -9.35 -11.13
C LEU D 66 38.28 -10.40 -10.78
N ALA D 67 39.28 -10.01 -9.96
CA ALA D 67 40.34 -10.91 -9.49
C ALA D 67 39.76 -11.98 -8.55
N GLN D 68 38.80 -11.59 -7.67
CA GLN D 68 38.12 -12.50 -6.75
C GLN D 68 37.31 -13.53 -7.52
N LEU D 69 36.61 -13.09 -8.59
CA LEU D 69 35.82 -13.97 -9.45
C LEU D 69 36.72 -14.89 -10.31
N LYS D 70 37.97 -14.47 -10.60
CA LYS D 70 38.93 -15.30 -11.34
C LYS D 70 39.47 -16.44 -10.49
N GLU D 71 39.60 -16.23 -9.15
CA GLU D 71 40.06 -17.26 -8.21
C GLU D 71 38.93 -18.28 -8.01
N LEU D 72 37.66 -17.82 -8.07
CA LEU D 72 36.49 -18.69 -7.91
C LEU D 72 36.12 -19.38 -9.22
N TYR D 73 36.16 -18.65 -10.35
CA TYR D 73 35.78 -19.17 -11.67
C TYR D 73 36.91 -18.87 -12.69
N PRO D 74 37.97 -19.72 -12.74
CA PRO D 74 39.11 -19.44 -13.64
C PRO D 74 38.80 -19.48 -15.14
N GLU D 75 37.77 -20.23 -15.56
CA GLU D 75 37.41 -20.36 -16.98
C GLU D 75 36.30 -19.39 -17.39
N GLU D 76 35.77 -18.59 -16.44
CA GLU D 76 34.69 -17.66 -16.72
C GLU D 76 35.18 -16.24 -17.00
N GLU D 77 34.71 -15.66 -18.10
CA GLU D 77 35.03 -14.29 -18.46
C GLU D 77 33.95 -13.37 -17.88
N VAL D 78 34.37 -12.37 -17.09
CA VAL D 78 33.49 -11.38 -16.47
C VAL D 78 34.01 -10.01 -16.85
N LEU D 79 33.16 -9.17 -17.47
CA LEU D 79 33.53 -7.81 -17.85
C LEU D 79 33.26 -6.89 -16.67
N GLY D 80 34.08 -5.87 -16.53
CA GLY D 80 33.93 -4.91 -15.43
C GLY D 80 34.08 -3.48 -15.91
N PHE D 81 33.19 -2.59 -15.43
CA PHE D 81 33.17 -1.16 -15.80
C PHE D 81 32.91 -0.31 -14.58
N ALA D 82 33.36 0.96 -14.61
CA ALA D 82 33.10 1.88 -13.50
C ALA D 82 32.42 3.17 -14.05
N PRO D 83 31.26 3.12 -14.78
CA PRO D 83 30.68 4.39 -15.28
C PRO D 83 30.07 5.24 -14.18
N ASP D 84 30.08 6.57 -14.38
CA ASP D 84 29.38 7.51 -13.53
C ASP D 84 27.88 7.23 -13.73
N LEU D 85 27.19 6.65 -12.72
CA LEU D 85 25.78 6.26 -12.83
C LEU D 85 24.83 7.44 -13.02
N THR D 86 25.28 8.68 -12.69
CA THR D 86 24.48 9.90 -12.83
C THR D 86 24.52 10.37 -14.30
N SER D 87 25.46 9.85 -15.11
CA SER D 87 25.60 10.22 -16.52
C SER D 87 25.04 9.11 -17.40
N ARG D 88 23.94 9.37 -18.10
CA ARG D 88 23.33 8.36 -18.97
C ARG D 88 24.25 7.98 -20.14
N ASP D 89 25.06 8.93 -20.66
CA ASP D 89 26.00 8.63 -21.74
C ASP D 89 27.09 7.67 -21.26
N ALA D 90 27.58 7.84 -20.00
CA ALA D 90 28.61 6.96 -19.42
C ALA D 90 28.03 5.55 -19.18
N VAL D 91 26.75 5.45 -18.72
CA VAL D 91 26.09 4.17 -18.50
C VAL D 91 25.84 3.50 -19.87
N MSE D 92 25.38 4.28 -20.88
CA MSE D 92 25.12 3.76 -22.24
C MSE D 92 26.40 3.20 -22.87
O MSE D 92 26.35 2.13 -23.49
CB MSE D 92 24.50 4.86 -23.15
CG MSE D 92 23.92 4.33 -24.46
SE MSE D 92 22.51 2.93 -24.28
CE MSE D 92 23.53 1.47 -24.61
N ALA D 93 27.54 3.87 -22.68
CA ALA D 93 28.82 3.39 -23.20
C ALA D 93 29.18 2.00 -22.64
N ALA D 94 29.00 1.81 -21.32
CA ALA D 94 29.29 0.53 -20.65
C ALA D 94 28.26 -0.56 -21.03
N VAL D 95 26.93 -0.25 -20.97
CA VAL D 95 25.85 -1.18 -21.32
C VAL D 95 26.03 -1.60 -22.82
N GLY D 96 26.32 -0.63 -23.68
CA GLY D 96 26.56 -0.85 -25.10
C GLY D 96 27.68 -1.83 -25.42
N GLN D 97 28.78 -1.77 -24.64
CA GLN D 97 29.93 -2.69 -24.80
C GLN D 97 29.54 -4.13 -24.48
N VAL D 98 28.72 -4.35 -23.44
CA VAL D 98 28.24 -5.67 -23.06
C VAL D 98 27.34 -6.22 -24.18
N ALA D 99 26.36 -5.41 -24.65
CA ALA D 99 25.42 -5.77 -25.71
C ALA D 99 26.14 -6.04 -27.03
N GLN D 100 27.23 -5.30 -27.29
CA GLN D 100 28.04 -5.49 -28.49
C GLN D 100 28.82 -6.81 -28.42
N LYS D 101 29.38 -7.15 -27.22
CA LYS D 101 30.16 -8.37 -27.04
CA LYS D 101 30.16 -8.36 -27.03
C LYS D 101 29.31 -9.64 -27.19
N TYR D 102 28.08 -9.65 -26.62
CA TYR D 102 27.25 -10.86 -26.69
C TYR D 102 26.07 -10.78 -27.67
N GLY D 103 25.87 -9.63 -28.32
CA GLY D 103 24.81 -9.48 -29.31
C GLY D 103 23.42 -9.28 -28.73
N ARG D 104 23.30 -9.22 -27.39
CA ARG D 104 22.03 -9.01 -26.69
C ARG D 104 22.26 -8.64 -25.22
N LEU D 105 21.18 -8.24 -24.53
CA LEU D 105 21.14 -7.94 -23.10
C LEU D 105 19.85 -8.55 -22.57
N ASP D 106 19.97 -9.55 -21.69
CA ASP D 106 18.81 -10.25 -21.17
C ASP D 106 18.35 -9.73 -19.81
N VAL D 107 19.30 -9.37 -18.92
CA VAL D 107 18.99 -8.97 -17.54
C VAL D 107 19.80 -7.73 -17.13
N MSE D 108 19.12 -6.75 -16.52
CA MSE D 108 19.74 -5.54 -15.96
C MSE D 108 19.38 -5.46 -14.49
O MSE D 108 18.19 -5.43 -14.16
CB MSE D 108 19.28 -4.25 -16.68
CG MSE D 108 19.89 -2.95 -16.10
SE MSE D 108 21.84 -2.94 -16.40
CE MSE D 108 22.27 -1.06 -16.17
N ILE D 109 20.38 -5.44 -13.61
CA ILE D 109 20.10 -5.32 -12.17
C ILE D 109 20.67 -4.00 -11.68
N ASN D 110 19.77 -3.04 -11.36
CA ASN D 110 20.14 -1.72 -10.83
C ASN D 110 20.22 -1.84 -9.31
N ASN D 111 21.30 -2.48 -8.85
CA ASN D 111 21.55 -2.83 -7.45
C ASN D 111 22.40 -1.77 -6.73
N ALA D 112 23.24 -1.00 -7.45
CA ALA D 112 24.08 0.01 -6.77
C ALA D 112 23.20 1.03 -6.03
N GLY D 113 23.58 1.30 -4.79
CA GLY D 113 22.85 2.24 -3.94
C GLY D 113 23.55 2.54 -2.65
N ILE D 114 23.08 3.58 -1.96
CA ILE D 114 23.63 4.06 -0.68
C ILE D 114 22.49 4.29 0.32
N THR D 115 22.86 4.51 1.58
CA THR D 115 21.89 4.77 2.64
C THR D 115 22.14 6.13 3.32
N SER D 116 21.29 6.49 4.30
CA SER D 116 21.36 7.72 5.09
C SER D 116 20.72 7.48 6.44
N ASN D 117 21.26 8.12 7.48
CA ASN D 117 20.71 7.99 8.83
C ASN D 117 20.78 9.35 9.59
N ASN D 118 21.20 10.43 8.91
CA ASN D 118 21.29 11.74 9.54
C ASN D 118 19.95 12.29 9.98
N VAL D 119 19.92 12.94 11.15
CA VAL D 119 18.72 13.62 11.66
C VAL D 119 18.42 14.75 10.66
N PHE D 120 17.14 15.00 10.41
CA PHE D 120 16.63 15.95 9.42
C PHE D 120 17.36 17.32 9.40
N SER D 121 17.58 17.92 10.57
CA SER D 121 18.28 19.20 10.67
C SER D 121 19.69 19.15 10.09
N ARG D 122 20.36 17.99 10.20
CA ARG D 122 21.74 17.76 9.75
C ARG D 122 21.82 17.20 8.33
N VAL D 123 20.67 17.07 7.63
CA VAL D 123 20.72 16.57 6.25
C VAL D 123 21.03 17.79 5.38
N SER D 124 22.25 17.84 4.82
CA SER D 124 22.67 18.95 3.97
C SER D 124 22.05 18.83 2.58
N GLU D 125 22.06 19.93 1.79
CA GLU D 125 21.60 19.96 0.39
C GLU D 125 22.35 18.94 -0.43
N GLU D 126 23.69 18.90 -0.22
CA GLU D 126 24.64 18.02 -0.89
CA GLU D 126 24.58 18.00 -0.96
C GLU D 126 24.31 16.55 -0.61
N GLU D 127 24.06 16.20 0.69
CA GLU D 127 23.74 14.81 1.04
C GLU D 127 22.41 14.37 0.41
N PHE D 128 21.37 15.23 0.46
CA PHE D 128 20.07 14.88 -0.12
C PHE D 128 20.19 14.70 -1.66
N LYS D 129 20.89 15.65 -2.33
CA LYS D 129 21.12 15.59 -3.78
C LYS D 129 21.84 14.29 -4.19
N HIS D 130 22.88 13.91 -3.44
CA HIS D 130 23.71 12.75 -3.75
C HIS D 130 22.93 11.43 -3.65
N ILE D 131 22.15 11.20 -2.55
CA ILE D 131 21.38 9.97 -2.39
C ILE D 131 20.27 9.93 -3.47
N MSE D 132 19.66 11.09 -3.80
CA MSE D 132 18.65 11.13 -4.87
C MSE D 132 19.28 10.79 -6.22
O MSE D 132 18.69 10.04 -6.99
CB MSE D 132 17.94 12.49 -4.92
CG MSE D 132 17.01 12.75 -3.71
SE MSE D 132 15.59 11.44 -3.34
CE MSE D 132 14.66 11.53 -4.98
N ASP D 133 20.51 11.30 -6.46
CA ASP D 133 21.26 11.05 -7.70
C ASP D 133 21.63 9.59 -7.90
N ILE D 134 22.29 8.98 -6.91
CA ILE D 134 22.73 7.58 -7.00
C ILE D 134 21.53 6.62 -6.97
N ASN D 135 20.68 6.71 -5.95
CA ASN D 135 19.56 5.77 -5.76
C ASN D 135 18.42 5.91 -6.78
N VAL D 136 18.18 7.11 -7.34
CA VAL D 136 17.06 7.24 -8.28
C VAL D 136 17.57 7.49 -9.70
N THR D 137 18.37 8.54 -9.93
CA THR D 137 18.87 8.85 -11.29
C THR D 137 19.74 7.68 -11.81
N GLY D 138 20.50 7.05 -10.92
CA GLY D 138 21.32 5.89 -11.27
C GLY D 138 20.48 4.73 -11.77
N VAL D 139 19.32 4.48 -11.10
CA VAL D 139 18.36 3.42 -11.47
C VAL D 139 17.67 3.78 -12.81
N PHE D 140 17.21 5.05 -12.94
CA PHE D 140 16.59 5.53 -14.18
C PHE D 140 17.55 5.35 -15.37
N ASN D 141 18.83 5.75 -15.20
CA ASN D 141 19.83 5.67 -16.28
C ASN D 141 20.09 4.24 -16.70
N GLY D 142 20.27 3.35 -15.73
CA GLY D 142 20.48 1.93 -15.99
C GLY D 142 19.31 1.28 -16.68
N ALA D 143 18.07 1.57 -16.20
CA ALA D 143 16.84 1.03 -16.80
C ALA D 143 16.64 1.56 -18.22
N TRP D 144 16.91 2.85 -18.46
CA TRP D 144 16.77 3.47 -19.78
C TRP D 144 17.76 2.85 -20.77
N CYS D 145 19.03 2.70 -20.38
CA CYS D 145 20.07 2.12 -21.25
C CYS D 145 19.77 0.65 -21.56
N ALA D 146 19.31 -0.14 -20.55
CA ALA D 146 18.92 -1.55 -20.74
C ALA D 146 17.77 -1.66 -21.75
N TYR D 147 16.70 -0.84 -21.54
CA TYR D 147 15.53 -0.76 -22.40
C TYR D 147 15.93 -0.53 -23.87
N GLN D 148 16.86 0.40 -24.13
CA GLN D 148 17.31 0.70 -25.49
C GLN D 148 17.95 -0.53 -26.16
N CYS D 149 18.65 -1.39 -25.38
CA CYS D 149 19.28 -2.61 -25.88
C CYS D 149 18.32 -3.81 -25.92
N MSE D 150 17.15 -3.72 -25.25
CA MSE D 150 16.17 -4.80 -25.14
C MSE D 150 14.93 -4.62 -26.02
O MSE D 150 14.34 -5.62 -26.40
CB MSE D 150 15.67 -4.90 -23.68
CG MSE D 150 16.70 -5.39 -22.68
SE MSE D 150 16.02 -5.18 -20.87
CE MSE D 150 17.44 -6.03 -19.87
N LYS D 151 14.50 -3.36 -26.27
CA LYS D 151 13.25 -3.03 -26.94
C LYS D 151 13.03 -3.70 -28.31
N ASP D 152 14.06 -3.80 -29.16
CA ASP D 152 13.88 -4.42 -30.48
C ASP D 152 13.86 -5.95 -30.39
N ALA D 153 14.50 -6.54 -29.36
CA ALA D 153 14.50 -7.98 -29.11
C ALA D 153 13.16 -8.43 -28.53
N LYS D 154 12.39 -7.45 -27.97
CA LYS D 154 11.09 -7.64 -27.34
C LYS D 154 11.16 -8.74 -26.28
N LYS D 155 12.17 -8.63 -25.41
CA LYS D 155 12.39 -9.51 -24.25
C LYS D 155 13.45 -8.90 -23.35
N GLY D 156 13.39 -9.21 -22.07
CA GLY D 156 14.31 -8.69 -21.08
C GLY D 156 13.68 -8.53 -19.72
N VAL D 157 14.53 -8.37 -18.70
CA VAL D 157 14.11 -8.16 -17.31
C VAL D 157 14.97 -7.07 -16.69
N ILE D 158 14.33 -6.09 -16.04
CA ILE D 158 15.02 -5.01 -15.33
C ILE D 158 14.65 -5.16 -13.85
N ILE D 159 15.66 -5.36 -12.99
CA ILE D 159 15.48 -5.51 -11.54
C ILE D 159 16.01 -4.25 -10.85
N ASN D 160 15.18 -3.58 -10.03
CA ASN D 160 15.57 -2.35 -9.34
C ASN D 160 15.56 -2.59 -7.84
N THR D 161 16.67 -2.27 -7.15
CA THR D 161 16.74 -2.50 -5.71
C THR D 161 16.22 -1.28 -4.95
N ALA D 162 15.10 -1.49 -4.23
CA ALA D 162 14.49 -0.48 -3.38
C ALA D 162 14.95 -0.77 -1.95
N SER D 163 14.03 -0.70 -0.97
CA SER D 163 14.28 -0.97 0.45
C SER D 163 12.96 -1.07 1.19
N VAL D 164 12.99 -1.71 2.36
CA VAL D 164 11.87 -1.80 3.29
C VAL D 164 11.42 -0.33 3.66
N THR D 165 12.40 0.63 3.74
CA THR D 165 12.11 2.04 4.09
C THR D 165 11.25 2.74 3.02
N GLY D 166 11.28 2.24 1.79
CA GLY D 166 10.45 2.77 0.69
C GLY D 166 8.97 2.49 0.91
N ILE D 167 8.65 1.52 1.80
CA ILE D 167 7.27 1.12 2.13
C ILE D 167 6.90 1.58 3.54
N PHE D 168 7.79 1.36 4.52
CA PHE D 168 7.49 1.61 5.94
C PHE D 168 8.16 2.85 6.53
N GLY D 169 8.82 3.65 5.69
CA GLY D 169 9.51 4.86 6.13
C GLY D 169 10.71 4.55 6.98
N SER D 170 11.18 5.54 7.75
CA SER D 170 12.33 5.41 8.65
C SER D 170 12.20 6.43 9.78
N LEU D 171 13.07 6.34 10.80
CA LEU D 171 13.05 7.29 11.92
C LEU D 171 14.09 8.39 11.73
N SER D 172 14.99 8.27 10.71
CA SER D 172 15.99 9.30 10.37
C SER D 172 16.50 9.07 8.93
N GLY D 173 17.36 9.98 8.44
CA GLY D 173 17.93 9.91 7.10
C GLY D 173 16.87 9.92 6.02
N VAL D 174 16.01 10.96 6.02
CA VAL D 174 14.84 11.13 5.14
C VAL D 174 15.13 10.83 3.63
N GLY D 175 16.36 11.09 3.16
CA GLY D 175 16.75 10.82 1.78
C GLY D 175 16.67 9.35 1.40
N TYR D 176 16.85 8.46 2.38
CA TYR D 176 16.81 7.00 2.20
C TYR D 176 15.33 6.54 1.92
N PRO D 177 14.29 6.74 2.77
CA PRO D 177 12.93 6.35 2.34
C PRO D 177 12.45 7.14 1.10
N ALA D 178 12.82 8.43 0.96
CA ALA D 178 12.40 9.24 -0.20
C ALA D 178 12.93 8.65 -1.51
N SER D 179 14.24 8.30 -1.55
CA SER D 179 14.85 7.73 -2.76
C SER D 179 14.36 6.29 -3.01
N LYS D 180 14.20 5.47 -1.97
CA LYS D 180 13.79 4.07 -2.16
C LYS D 180 12.30 3.94 -2.50
N ALA D 181 11.45 4.86 -2.02
CA ALA D 181 10.03 4.89 -2.41
C ALA D 181 9.92 5.32 -3.88
N SER D 182 10.82 6.24 -4.33
CA SER D 182 10.89 6.69 -5.72
C SER D 182 11.20 5.51 -6.65
N VAL D 183 12.12 4.61 -6.21
CA VAL D 183 12.51 3.40 -6.96
C VAL D 183 11.28 2.48 -7.15
N ILE D 184 10.45 2.35 -6.11
CA ILE D 184 9.23 1.54 -6.15
C ILE D 184 8.24 2.18 -7.16
N GLY D 185 8.11 3.50 -7.11
CA GLY D 185 7.24 4.27 -8.01
C GLY D 185 7.67 4.21 -9.46
N LEU D 186 9.00 4.30 -9.70
CA LEU D 186 9.62 4.17 -11.03
C LEU D 186 9.34 2.76 -11.58
N THR D 187 9.55 1.72 -10.74
CA THR D 187 9.32 0.31 -11.09
C THR D 187 7.84 0.10 -11.49
N HIS D 188 6.90 0.63 -10.69
CA HIS D 188 5.47 0.49 -10.95
C HIS D 188 5.09 1.13 -12.30
N GLY D 189 5.44 2.41 -12.50
CA GLY D 189 5.14 3.13 -13.72
C GLY D 189 5.82 2.54 -14.94
N LEU D 190 7.13 2.28 -14.86
CA LEU D 190 7.90 1.73 -15.99
C LEU D 190 7.39 0.33 -16.38
N GLY D 191 7.13 -0.51 -15.39
CA GLY D 191 6.60 -1.85 -15.61
C GLY D 191 5.29 -1.84 -16.38
N ARG D 192 4.38 -0.93 -16.01
CA ARG D 192 3.07 -0.79 -16.67
C ARG D 192 3.24 -0.32 -18.11
N GLU D 193 4.19 0.62 -18.33
CA GLU D 193 4.48 1.20 -19.63
C GLU D 193 5.09 0.22 -20.64
N ILE D 194 6.11 -0.54 -20.24
CA ILE D 194 6.86 -1.34 -21.23
C ILE D 194 6.53 -2.86 -21.26
N ILE D 195 5.52 -3.32 -20.51
CA ILE D 195 5.11 -4.73 -20.52
C ILE D 195 4.66 -5.15 -21.95
N ARG D 196 4.10 -4.22 -22.76
CA ARG D 196 3.69 -4.52 -24.15
C ARG D 196 4.90 -4.85 -25.07
N LYS D 197 6.13 -4.52 -24.62
CA LYS D 197 7.36 -4.84 -25.35
C LYS D 197 8.00 -6.15 -24.79
N ASN D 198 7.24 -6.87 -23.93
CA ASN D 198 7.61 -8.13 -23.29
C ASN D 198 8.88 -7.95 -22.40
N ILE D 199 9.05 -6.74 -21.82
CA ILE D 199 10.15 -6.47 -20.90
C ILE D 199 9.54 -6.35 -19.50
N ARG D 200 10.03 -7.17 -18.54
CA ARG D 200 9.52 -7.11 -17.18
C ARG D 200 10.38 -6.14 -16.33
N VAL D 201 9.72 -5.40 -15.41
CA VAL D 201 10.37 -4.46 -14.49
C VAL D 201 9.92 -4.84 -13.09
N VAL D 202 10.86 -5.29 -12.23
CA VAL D 202 10.49 -5.74 -10.87
CA VAL D 202 10.50 -5.74 -10.88
C VAL D 202 11.43 -5.12 -9.84
N GLY D 203 10.87 -4.81 -8.66
CA GLY D 203 11.62 -4.24 -7.56
C GLY D 203 11.90 -5.29 -6.50
N VAL D 204 12.95 -5.06 -5.69
CA VAL D 204 13.32 -5.91 -4.54
C VAL D 204 13.55 -4.95 -3.40
N ALA D 205 12.81 -5.13 -2.30
CA ALA D 205 12.90 -4.28 -1.12
C ALA D 205 13.50 -5.08 0.05
N PRO D 206 14.85 -5.07 0.20
CA PRO D 206 15.47 -5.79 1.32
C PRO D 206 15.21 -5.10 2.68
N GLY D 207 15.38 -5.84 3.76
CA GLY D 207 15.25 -5.31 5.12
C GLY D 207 16.56 -4.80 5.66
N VAL D 208 17.26 -5.64 6.45
CA VAL D 208 18.59 -5.35 7.00
C VAL D 208 19.50 -6.50 6.59
N VAL D 209 20.52 -6.21 5.77
CA VAL D 209 21.40 -7.23 5.19
C VAL D 209 22.82 -7.03 5.65
N ASN D 210 23.50 -8.15 5.97
CA ASN D 210 24.87 -8.19 6.47
C ASN D 210 25.88 -7.90 5.35
N THR D 211 26.20 -6.61 5.16
CA THR D 211 27.18 -6.14 4.15
C THR D 211 28.04 -5.03 4.75
N ASP D 212 28.91 -4.40 3.95
CA ASP D 212 29.72 -3.24 4.36
C ASP D 212 28.81 -2.04 4.72
N MSE D 213 27.54 -2.04 4.23
CA MSE D 213 26.57 -0.97 4.50
C MSE D 213 26.09 -0.99 5.97
O MSE D 213 25.65 0.05 6.47
CB MSE D 213 25.37 -1.08 3.54
CG MSE D 213 24.47 0.15 3.54
SE MSE D 213 23.06 0.09 2.19
CE MSE D 213 24.13 0.55 0.72
N THR D 214 26.16 -2.15 6.65
CA THR D 214 25.70 -2.31 8.03
C THR D 214 26.84 -2.84 8.97
N ASN D 215 28.07 -2.98 8.43
CA ASN D 215 29.26 -3.56 9.10
C ASN D 215 29.97 -2.72 10.21
N GLY D 216 29.34 -1.64 10.66
CA GLY D 216 29.91 -0.73 11.65
C GLY D 216 30.26 -1.22 13.05
N ASN D 217 29.35 -0.92 13.99
CA ASN D 217 29.35 -1.08 15.44
C ASN D 217 30.06 -2.32 16.04
N PRO D 218 30.64 -2.19 17.26
CA PRO D 218 31.27 -3.35 17.93
C PRO D 218 30.22 -4.42 18.32
N PRO D 219 30.63 -5.70 18.54
CA PRO D 219 29.63 -6.75 18.83
C PRO D 219 28.77 -6.52 20.08
N GLU D 220 29.30 -5.83 21.12
CA GLU D 220 28.57 -5.53 22.36
C GLU D 220 27.32 -4.71 22.07
N ILE D 221 27.42 -3.72 21.18
CA ILE D 221 26.32 -2.84 20.76
C ILE D 221 25.39 -3.62 19.79
N MSE D 222 25.98 -4.42 18.91
CA MSE D 222 25.27 -5.21 17.90
C MSE D 222 24.36 -6.30 18.47
O MSE D 222 23.28 -6.52 17.93
CB MSE D 222 26.26 -5.82 16.90
CG MSE D 222 26.78 -4.81 15.88
SE MSE D 222 25.32 -3.78 15.05
CE MSE D 222 24.53 -5.24 13.96
N GLU D 223 24.81 -6.96 19.56
CA GLU D 223 24.13 -8.06 20.24
C GLU D 223 22.67 -7.69 20.57
N GLY D 224 22.48 -6.51 21.16
CA GLY D 224 21.16 -5.98 21.53
C GLY D 224 20.29 -5.69 20.31
N TYR D 225 20.88 -5.06 19.29
CA TYR D 225 20.22 -4.71 18.01
C TYR D 225 19.73 -5.99 17.28
N LEU D 226 20.61 -7.00 17.13
CA LEU D 226 20.31 -8.27 16.45
C LEU D 226 19.20 -9.03 17.15
N LYS D 227 19.20 -9.02 18.50
CA LYS D 227 18.19 -9.70 19.32
C LYS D 227 16.78 -9.13 19.08
N ALA D 228 16.68 -7.80 18.86
CA ALA D 228 15.42 -7.08 18.62
C ALA D 228 14.87 -7.32 17.20
N LEU D 229 15.69 -7.86 16.26
CA LEU D 229 15.22 -8.16 14.89
C LEU D 229 14.24 -9.33 14.91
N PRO D 230 13.14 -9.30 14.11
CA PRO D 230 12.19 -10.43 14.13
C PRO D 230 12.83 -11.82 13.92
N MSE D 231 13.85 -11.95 13.02
CA MSE D 231 14.54 -13.23 12.79
C MSE D 231 15.73 -13.45 13.73
O MSE D 231 16.31 -14.52 13.71
CB MSE D 231 15.01 -13.38 11.33
CG MSE D 231 13.88 -13.66 10.36
SE MSE D 231 14.56 -13.59 8.54
CE MSE D 231 15.39 -15.33 8.53
N LYS D 232 16.04 -12.44 14.58
CA LYS D 232 17.16 -12.47 15.55
C LYS D 232 18.53 -12.43 14.82
N ARG D 233 18.51 -12.05 13.54
CA ARG D 233 19.69 -11.96 12.68
C ARG D 233 19.39 -11.09 11.48
N MSE D 234 20.44 -10.54 10.86
CA MSE D 234 20.26 -9.81 9.62
C MSE D 234 20.15 -10.84 8.49
O MSE D 234 20.52 -11.99 8.71
CB MSE D 234 21.47 -8.90 9.37
CG MSE D 234 21.47 -7.62 10.17
SE MSE D 234 23.12 -6.65 9.78
CE MSE D 234 24.27 -7.65 10.87
N LEU D 235 19.67 -10.45 7.31
CA LEU D 235 19.68 -11.36 6.18
C LEU D 235 21.10 -11.41 5.62
N GLU D 236 21.45 -12.51 4.95
CA GLU D 236 22.76 -12.64 4.29
C GLU D 236 22.62 -12.14 2.85
N PRO D 237 23.69 -11.57 2.22
CA PRO D 237 23.54 -11.05 0.85
C PRO D 237 23.01 -12.09 -0.15
N GLU D 238 23.31 -13.40 0.07
CA GLU D 238 22.83 -14.53 -0.74
C GLU D 238 21.30 -14.62 -0.75
N GLU D 239 20.67 -14.29 0.39
CA GLU D 239 19.20 -14.32 0.55
C GLU D 239 18.51 -13.24 -0.31
N ILE D 240 19.22 -12.14 -0.64
CA ILE D 240 18.67 -11.13 -1.54
C ILE D 240 18.97 -11.56 -2.97
N ALA D 241 20.23 -11.98 -3.22
CA ALA D 241 20.71 -12.42 -4.54
C ALA D 241 19.88 -13.59 -5.09
N ASN D 242 19.38 -14.51 -4.21
CA ASN D 242 18.53 -15.63 -4.61
C ASN D 242 17.18 -15.13 -5.14
N VAL D 243 16.72 -13.97 -4.67
CA VAL D 243 15.47 -13.38 -5.13
C VAL D 243 15.74 -12.68 -6.50
N TYR D 244 16.93 -12.05 -6.68
CA TYR D 244 17.32 -11.49 -7.99
C TYR D 244 17.27 -12.64 -9.03
N LEU D 245 17.84 -13.80 -8.65
CA LEU D 245 17.92 -15.02 -9.48
C LEU D 245 16.54 -15.47 -9.94
N PHE D 246 15.60 -15.69 -9.00
CA PHE D 246 14.23 -16.09 -9.35
C PHE D 246 13.55 -15.06 -10.27
N LEU D 247 13.64 -13.77 -9.92
CA LEU D 247 12.98 -12.70 -10.67
C LEU D 247 13.50 -12.55 -12.09
N ALA D 248 14.81 -12.82 -12.31
CA ALA D 248 15.43 -12.80 -13.64
C ALA D 248 15.08 -14.07 -14.45
N SER D 249 14.72 -15.18 -13.78
CA SER D 249 14.38 -16.46 -14.45
C SER D 249 12.99 -16.41 -15.11
N ASP D 250 12.73 -17.36 -16.02
CA ASP D 250 11.45 -17.48 -16.73
C ASP D 250 10.34 -18.00 -15.78
N LEU D 251 10.71 -18.41 -14.54
CA LEU D 251 9.74 -18.81 -13.51
C LEU D 251 8.89 -17.62 -13.07
N ALA D 252 9.48 -16.41 -13.13
CA ALA D 252 8.81 -15.16 -12.75
C ALA D 252 8.18 -14.48 -13.97
N SER D 253 7.80 -15.22 -15.04
CA SER D 253 7.23 -14.61 -16.26
C SER D 253 5.93 -13.79 -16.01
N GLY D 254 5.22 -14.07 -14.91
CA GLY D 254 3.99 -13.35 -14.56
C GLY D 254 4.20 -12.13 -13.65
N ILE D 255 5.44 -11.89 -13.19
CA ILE D 255 5.74 -10.83 -12.24
C ILE D 255 6.35 -9.59 -12.90
N THR D 256 5.65 -8.46 -12.83
CA THR D 256 6.12 -7.16 -13.35
C THR D 256 5.36 -6.03 -12.68
N ALA D 257 5.92 -4.78 -12.76
CA ALA D 257 5.31 -3.54 -12.24
C ALA D 257 4.96 -3.66 -10.76
N THR D 258 5.87 -4.28 -9.99
CA THR D 258 5.68 -4.52 -8.55
C THR D 258 7.04 -4.64 -7.87
N THR D 259 7.05 -4.57 -6.53
CA THR D 259 8.26 -4.70 -5.73
C THR D 259 8.04 -5.83 -4.71
N VAL D 260 8.99 -6.77 -4.66
CA VAL D 260 8.95 -7.93 -3.76
C VAL D 260 9.72 -7.59 -2.47
N SER D 261 9.03 -7.69 -1.32
CA SER D 261 9.64 -7.46 -0.01
C SER D 261 10.42 -8.69 0.44
N VAL D 262 11.72 -8.52 0.75
CA VAL D 262 12.64 -9.57 1.24
C VAL D 262 13.23 -9.00 2.52
N ASP D 263 12.42 -8.91 3.57
CA ASP D 263 12.87 -8.24 4.78
C ASP D 263 12.77 -9.05 6.07
N GLY D 264 12.37 -10.32 5.98
CA GLY D 264 12.22 -11.19 7.15
C GLY D 264 11.36 -10.61 8.25
N ALA D 265 10.32 -9.84 7.87
CA ALA D 265 9.34 -9.15 8.74
C ALA D 265 9.96 -7.96 9.52
N TYR D 266 11.21 -7.54 9.17
CA TYR D 266 11.85 -6.38 9.81
C TYR D 266 11.09 -5.13 9.44
N ARG D 267 10.83 -4.28 10.46
CA ARG D 267 10.16 -2.99 10.26
C ARG D 267 11.02 -1.87 10.84
N PRO D 268 11.42 -0.86 10.03
CA PRO D 268 12.22 0.25 10.58
C PRO D 268 11.38 1.09 11.57
PA NAD E . -10.27 -23.37 -10.00
O1A NAD E . -11.73 -23.18 -10.04
O2A NAD E . -9.64 -23.83 -11.32
O5B NAD E . -9.90 -24.35 -8.82
C5B NAD E . -10.38 -24.08 -7.49
C4B NAD E . -9.96 -25.19 -6.58
O4B NAD E . -10.40 -24.89 -5.23
C3B NAD E . -10.55 -26.58 -6.90
O3B NAD E . -9.64 -27.63 -6.58
C2B NAD E . -11.79 -26.63 -6.02
O2B NAD E . -12.16 -27.96 -5.68
C1B NAD E . -11.32 -25.87 -4.78
N9A NAD E . -12.39 -25.20 -4.05
C8A NAD E . -13.24 -24.23 -4.51
N7A NAD E . -14.24 -23.97 -3.71
C5A NAD E . -14.04 -24.82 -2.64
C6A NAD E . -14.79 -25.09 -1.48
N6A NAD E . -16.01 -24.62 -1.27
N1A NAD E . -14.29 -26.00 -0.60
C2A NAD E . -13.14 -26.60 -0.88
N3A NAD E . -12.36 -26.46 -1.97
C4A NAD E . -12.88 -25.56 -2.82
O3 NAD E . -9.58 -21.98 -9.59
PN NAD E . -8.17 -21.25 -9.75
O1N NAD E . -8.30 -20.20 -10.79
O2N NAD E . -7.12 -22.29 -9.88
O5D NAD E . -8.02 -20.54 -8.33
C5D NAD E . -6.98 -20.86 -7.39
C4D NAD E . -6.79 -19.68 -6.47
O4D NAD E . -6.41 -18.53 -7.23
C3D NAD E . -8.04 -19.25 -5.69
O3D NAD E . -7.71 -18.89 -4.34
C2D NAD E . -8.54 -18.06 -6.50
O2D NAD E . -9.33 -17.17 -5.73
C1D NAD E . -7.16 -17.41 -6.87
N1N NAD E . -7.19 -16.42 -8.03
C2N NAD E . -7.53 -16.89 -9.33
C3N NAD E . -7.62 -15.98 -10.38
C7N NAD E . -8.03 -16.40 -11.78
O7N NAD E . -8.20 -15.52 -12.66
N7N NAD E . -8.20 -17.72 -12.02
C4N NAD E . -7.45 -14.62 -10.10
C5N NAD E . -6.91 -14.23 -8.88
C6N NAD E . -6.92 -15.11 -7.81
O UNL F . -8.62 -14.77 -7.23
C ACT G . -11.81 -31.01 -10.75
O ACT G . -11.63 -30.36 -9.70
OXT ACT G . -12.52 -30.63 -11.73
CH3 ACT G . -11.09 -32.38 -10.87
PA NAD H . -16.05 0.88 22.01
O1A NAD H . -15.96 -0.43 22.68
O2A NAD H . -15.72 2.09 22.86
O5B NAD H . -17.49 1.01 21.39
C5B NAD H . -17.82 0.11 20.32
C4B NAD H . -19.25 0.33 19.91
O4B NAD H . -19.59 -0.70 18.94
C3B NAD H . -20.29 0.26 21.02
O3B NAD H . -21.38 1.17 20.89
C2B NAD H . -20.79 -1.18 20.92
O2B NAD H . -22.13 -1.38 21.37
C1B NAD H . -20.68 -1.46 19.43
N9A NAD H . -20.46 -2.87 19.12
C8A NAD H . -19.41 -3.65 19.51
N7A NAD H . -19.60 -4.94 19.34
C5A NAD H . -20.87 -5.01 18.79
C6A NAD H . -21.67 -6.09 18.40
N6A NAD H . -21.34 -7.37 18.58
N1A NAD H . -22.88 -5.81 17.85
C2A NAD H . -23.26 -4.53 17.73
N3A NAD H . -22.59 -3.42 18.09
C4A NAD H . -21.40 -3.74 18.63
O3 NAD H . -15.05 0.92 20.77
PN NAD H . -14.24 2.04 19.97
O1N NAD H . -12.85 2.06 20.50
O2N NAD H . -15.01 3.30 19.97
O5D NAD H . -14.28 1.40 18.51
C5D NAD H . -14.99 1.97 17.40
C4D NAD H . -14.36 1.44 16.14
O4D NAD H . -12.97 1.83 16.05
C3D NAD H . -14.35 -0.08 15.99
O3D NAD H . -14.61 -0.44 14.63
C2D NAD H . -12.91 -0.44 16.39
O2D NAD H . -12.48 -1.66 15.81
C1D NAD H . -12.16 0.75 15.71
N1N NAD H . -10.74 0.95 16.23
C2N NAD H . -10.55 1.34 17.59
C3N NAD H . -9.28 1.39 18.14
C7N NAD H . -9.05 1.83 19.57
O7N NAD H . -7.91 2.01 19.97
N7N NAD H . -10.13 1.98 20.37
C4N NAD H . -8.20 1.11 17.32
C5N NAD H . -8.37 0.99 15.94
C6N NAD H . -9.66 0.77 15.44
O UNL I . -9.64 -1.30 15.87
C ACT J . -22.50 1.84 26.37
O ACT J . -22.47 1.49 25.16
OXT ACT J . -21.74 1.37 27.26
CH3 ACT J . -23.56 2.92 26.79
PA NAD K . -0.78 24.61 -11.86
O1A NAD K . 0.03 24.57 -13.08
O2A NAD K . -2.23 25.09 -12.08
O5B NAD K . -0.03 25.46 -10.75
C5B NAD K . 1.29 25.03 -10.36
C4B NAD K . 1.90 26.02 -9.41
O4B NAD K . 3.23 25.56 -9.06
C3B NAD K . 2.06 27.45 -9.95
O3B NAD K . 1.75 28.45 -8.99
C2B NAD K . 3.52 27.50 -10.40
O2B NAD K . 4.11 28.78 -10.28
C1B NAD K . 4.19 26.55 -9.40
N9A NAD K . 5.37 25.88 -9.93
C8A NAD K . 5.43 25.05 -11.03
N7A NAD K . 6.65 24.81 -11.46
C5A NAD K . 7.45 25.52 -10.58
C6A NAD K . 8.84 25.70 -10.50
N6A NAD K . 9.71 25.21 -11.39
N1A NAD K . 9.33 26.44 -9.47
C2A NAD K . 8.47 26.99 -8.61
N3A NAD K . 7.13 26.91 -8.60
C4A NAD K . 6.68 26.16 -9.62
O3 NAD K . -0.86 23.13 -11.25
PN NAD K . -1.80 22.35 -10.21
O1N NAD K . -2.60 21.39 -10.99
O2N NAD K . -2.48 23.32 -9.31
O5D NAD K . -0.71 21.56 -9.35
C5D NAD K . -0.50 21.69 -7.92
C4D NAD K . 0.08 20.39 -7.38
O4D NAD K . -0.88 19.32 -7.56
C3D NAD K . 1.36 19.91 -8.05
O3D NAD K . 2.23 19.33 -7.07
C2D NAD K . 0.84 18.84 -9.02
O2D NAD K . 1.84 17.88 -9.34
C1D NAD K . -0.25 18.19 -8.10
N1N NAD K . -1.25 17.29 -8.84
C2N NAD K . -2.12 17.89 -9.79
C3N NAD K . -2.88 17.08 -10.63
C7N NAD K . -3.77 17.68 -11.69
O7N NAD K . -4.44 16.92 -12.43
N7N NAD K . -3.83 19.02 -11.79
C4N NAD K . -2.91 15.72 -10.39
C5N NAD K . -2.10 15.16 -9.40
C6N NAD K . -1.19 15.95 -8.74
O UNL L . 0.00 15.76 -9.90
PA NAD M . 27.42 -2.42 -0.53
O1A NAD M . 27.91 -1.17 0.10
O2A NAD M . 27.93 -3.69 0.14
O5B NAD M . 27.69 -2.37 -2.08
C5B NAD M . 27.23 -1.24 -2.84
C4B NAD M . 27.71 -1.40 -4.26
O4B NAD M . 27.23 -0.29 -5.04
C3B NAD M . 29.22 -1.44 -4.48
O3B NAD M . 29.58 -2.33 -5.53
C2B NAD M . 29.57 0.00 -4.82
O2B NAD M . 30.76 0.14 -5.59
C1B NAD M . 28.33 0.43 -5.60
N9A NAD M . 28.03 1.86 -5.50
C8A NAD M . 27.75 2.57 -4.36
N7A NAD M . 27.68 3.87 -4.55
C5A NAD M . 27.95 4.02 -5.90
C6A NAD M . 28.14 5.16 -6.70
N6A NAD M . 28.21 6.41 -6.22
N1A NAD M . 28.42 4.97 -8.01
C2A NAD M . 28.52 3.72 -8.47
N3A NAD M . 28.40 2.56 -7.80
C4A NAD M . 28.13 2.79 -6.50
O3 NAD M . 25.83 -2.46 -0.36
PN NAD M . 24.65 -3.53 -0.29
O1N NAD M . 24.24 -3.63 1.13
O2N NAD M . 25.06 -4.76 -1.01
O5D NAD M . 23.55 -2.75 -1.13
C5D NAD M . 22.97 -3.20 -2.38
C4D NAD M . 21.62 -2.55 -2.55
O4D NAD M . 20.71 -2.97 -1.50
C3D NAD M . 21.58 -1.01 -2.53
O3D NAD M . 20.67 -0.48 -3.50
C2D NAD M . 21.11 -0.73 -1.10
O2D NAD M . 20.46 0.53 -0.97
C1D NAD M . 20.07 -1.87 -0.95
N1N NAD M . 19.65 -2.15 0.49
C2N NAD M . 20.61 -2.72 1.36
C3N NAD M . 20.25 -3.00 2.67
C7N NAD M . 21.26 -3.49 3.67
O7N NAD M . 20.94 -3.59 4.88
N7N NAD M . 22.49 -3.80 3.21
C4N NAD M . 18.98 -2.61 3.11
C5N NAD M . 18.01 -2.25 2.19
C6N NAD M . 18.38 -1.97 0.88
O UNL N . 18.79 -0.30 1.14
#